data_8XOF
#
_entry.id   8XOF
#
_cell.length_a   1.00
_cell.length_b   1.00
_cell.length_c   1.00
_cell.angle_alpha   90.00
_cell.angle_beta   90.00
_cell.angle_gamma   90.00
#
_symmetry.space_group_name_H-M   'P 1'
#
loop_
_entity.id
_entity.type
_entity.pdbx_description
1 polymer 'G protein subunit q'
2 polymer 'Guanine nucleotide-binding protein G(I)/G(S)/G(T) subunit beta-1'
3 polymer 'Guanine nucleotide-binding protein G(I)/G(S)/G(O) subunit gamma-2'
4 polymer Nanobody35
5 polymer 'G-protein coupled estrogen receptor 1'
6 non-polymer Lys01
#
loop_
_entity_poly.entity_id
_entity_poly.type
_entity_poly.pdbx_seq_one_letter_code
_entity_poly.pdbx_strand_id
1 'polypeptide(L)'
;MGCTLSAEDKAAVERSKMIEKQLQKDKQVYRRTLRLLLLGADNSGKSTIVKQMRIYHVNGYSEEECKQYKAVVYSNTIQS
IIAIIRAMGRLKIDFGDSARADDARQLFVLAGAAEEGFMTAELAGVIKRLWKDSGVQACFNRSREYQLNDSAAYYLNDLD
RIAQPNYIPTQQDVLRTRVKTSGIFETKFQVDKVNFHMFDVGAQRDERRKWIQCFNDVTAIIFVVDSSDTNRLQEALNDF
DSIWNNRWLRTISVILFLNKQDLLAEKVLAGKSKIEDYFPEFARYTTPEDATPEPGEDPRVTRAKYFIRKEFVDISTASG
DGRHICYPHFTCAVDTENARRIFNDCKDIILQMNLREYNLV
;
A
2 'polypeptide(L)'
;MHHHHHHGSLLQSELDQLRQEAEQLKNQIRDARKACADATLSQITNNIDPVGRIQMRTRRTLRGHLAKIYAMHWGTDSRL
LVSASQDGKLIIWDSYTTNKVHAIPLRSSWVMTCAYAPSGNYVACGGLDNICSIYNLKTREGNVRVSRELAGHTGYLSCC
RFLDDNQIVTSSGDTTCALWDIETGQQTTTFTGHTGDVMSLSLAPDTRLFVSGACDASAKLWDVREGMCRQTFTGHESDI
NAICFFPNGNAFATGSDDATCRLFDLRADQELMTYSHDNIICGITSVSFSKSGRLLLAGYDDFNCNVWDALKADRAGVLA
GHDNRVSCLGVTDDGMAVATGSWDSFLKIWN
;
B
3 'polypeptide(L)' MASNNTASIAQARKLVEQLKMEANIDRIKVSKAAADLMAYCEAHAKEDPLLTPVPASENPFREKKFFCAIL G
4 'polypeptide(L)'
;QVQLQESGGGLVQPGGSLRLSCAASGFTFSNYKMNWVRQAPGKGLEWVSDISQSGASISYTGSVKGRFTISRDNAKNTLY
LQMNSLKPEDTAVYYCARCPAPFTRDCFDVTSTTYAYRGQGTQVTVSSHHHHHHEPEA
;
N
5 'polypeptide(L)'
;MDVTSQARGVGLEMYPGTAQPAAPNTTSPELNLSHPLLGTALANGTGELSEHQQYVIGLFLSCLYTIFLFPIGFVGNILI
LVVNISFREKMTIPDLYFINLAVADLILVADSLIEVFNLHERYYDIAVLCTFMSLFLQVNMYSSVFFLTWMSFDRYIALA
RAMRCSLFRTKHHARLSCGLIWMASVSATLVPFTAVHLQHTDEACFCFADVREVQWLEVTLGFIVPFAIIGLCYSLIVRV
LVRAHRHRGLRPRRQKALRMILAVVLVFFVCWLPENVFISVHLLQRTQPGAAPCKQSFRHAHPLTGHIVNLAAFSNSCLN
PLIYSFLGETFRDKLRLYIEQKTNLPALNRFCHAALKAVIPDSTEQSDVRFSSAV
;
R
#
loop_
_chem_comp.id
_chem_comp.type
_chem_comp.name
_chem_comp.formula
A1LVW non-polymer Lys01 'C23 H23 Cl2 N5'
#
# COMPACT_ATOMS: atom_id res chain seq x y z
N GLU A 8 -23.90 -5.14 -31.91
CA GLU A 8 -25.10 -4.45 -31.35
C GLU A 8 -24.80 -3.93 -29.95
N ASP A 9 -24.93 -2.61 -29.77
CA ASP A 9 -24.59 -2.00 -28.48
C ASP A 9 -25.48 -2.52 -27.37
N LYS A 10 -26.74 -2.88 -27.67
CA LYS A 10 -27.63 -3.36 -26.63
C LYS A 10 -27.16 -4.69 -26.07
N ALA A 11 -26.72 -5.59 -26.94
CA ALA A 11 -26.17 -6.86 -26.46
C ALA A 11 -24.91 -6.62 -25.64
N ALA A 12 -24.09 -5.65 -26.03
CA ALA A 12 -22.91 -5.33 -25.26
C ALA A 12 -23.29 -4.85 -23.86
N VAL A 13 -24.29 -3.99 -23.76
CA VAL A 13 -24.72 -3.50 -22.45
C VAL A 13 -25.32 -4.64 -21.62
N GLU A 14 -26.04 -5.55 -22.28
CA GLU A 14 -26.59 -6.71 -21.57
C GLU A 14 -25.48 -7.56 -20.99
N ARG A 15 -24.44 -7.82 -21.78
CA ARG A 15 -23.30 -8.60 -21.29
C ARG A 15 -22.60 -7.87 -20.15
N SER A 16 -22.47 -6.55 -20.28
CA SER A 16 -21.86 -5.78 -19.19
C SER A 16 -22.66 -5.89 -17.92
N LYS A 17 -23.99 -5.85 -18.02
CA LYS A 17 -24.84 -6.00 -16.84
C LYS A 17 -24.69 -7.39 -16.23
N MET A 18 -24.63 -8.42 -17.07
CA MET A 18 -24.41 -9.77 -16.57
C MET A 18 -23.09 -9.86 -15.80
N ILE A 19 -22.03 -9.29 -16.38
CA ILE A 19 -20.71 -9.34 -15.75
C ILE A 19 -20.71 -8.54 -14.45
N GLU A 20 -21.39 -7.40 -14.44
CA GLU A 20 -21.46 -6.61 -13.21
C GLU A 20 -22.21 -7.36 -12.13
N LYS A 21 -23.25 -8.10 -12.50
CA LYS A 21 -23.97 -8.92 -11.53
C LYS A 21 -23.06 -10.00 -10.96
N GLN A 22 -22.26 -10.63 -11.82
CA GLN A 22 -21.32 -11.63 -11.33
C GLN A 22 -20.30 -11.00 -10.38
N LEU A 23 -19.79 -9.81 -10.74
CA LEU A 23 -18.82 -9.14 -9.89
C LEU A 23 -19.43 -8.77 -8.54
N GLN A 24 -20.68 -8.31 -8.55
CA GLN A 24 -21.35 -8.01 -7.29
C GLN A 24 -21.53 -9.26 -6.45
N LYS A 25 -21.87 -10.38 -7.08
CA LYS A 25 -22.04 -11.63 -6.36
C LYS A 25 -20.74 -12.07 -5.71
N ASP A 26 -19.63 -11.96 -6.43
CA ASP A 26 -18.34 -12.39 -5.89
C ASP A 26 -17.72 -11.36 -4.94
N LYS A 27 -18.19 -10.11 -4.98
CA LYS A 27 -17.68 -9.11 -4.04
C LYS A 27 -18.06 -9.47 -2.61
N GLN A 28 -19.23 -10.07 -2.41
CA GLN A 28 -19.61 -10.51 -1.07
C GLN A 28 -18.63 -11.57 -0.56
N VAL A 29 -18.28 -12.52 -1.42
CA VAL A 29 -17.33 -13.56 -1.03
C VAL A 29 -15.98 -12.93 -0.71
N TYR A 30 -15.53 -11.98 -1.55
CA TYR A 30 -14.23 -11.36 -1.30
C TYR A 30 -14.24 -10.61 0.02
N ARG A 31 -15.31 -9.86 0.32
CA ARG A 31 -15.35 -9.07 1.53
C ARG A 31 -15.46 -9.95 2.77
N ARG A 32 -16.22 -11.04 2.69
CA ARG A 32 -16.41 -11.90 3.85
C ARG A 32 -15.11 -12.57 4.27
N THR A 33 -14.31 -13.00 3.30
CA THR A 33 -13.09 -13.75 3.59
C THR A 33 -12.01 -12.84 4.17
N LEU A 34 -11.21 -13.39 5.08
CA LEU A 34 -10.08 -12.70 5.66
C LEU A 34 -8.79 -13.34 5.17
N ARG A 35 -7.88 -12.52 4.67
CA ARG A 35 -6.63 -13.00 4.08
C ARG A 35 -5.48 -12.81 5.05
N LEU A 36 -4.64 -13.84 5.16
CA LEU A 36 -3.50 -13.84 6.06
C LEU A 36 -2.25 -14.25 5.28
N LEU A 37 -1.11 -13.68 5.66
CA LEU A 37 0.17 -14.06 5.08
C LEU A 37 1.02 -14.74 6.14
N LEU A 38 1.41 -15.99 5.89
CA LEU A 38 2.23 -16.74 6.83
C LEU A 38 3.70 -16.56 6.45
N LEU A 39 4.48 -16.00 7.37
CA LEU A 39 5.90 -15.77 7.16
C LEU A 39 6.71 -16.50 8.23
N GLY A 40 7.91 -16.93 7.85
CA GLY A 40 8.77 -17.64 8.76
C GLY A 40 10.07 -18.02 8.07
N ALA A 41 10.89 -18.73 8.82
CA ALA A 41 12.17 -19.23 8.33
C ALA A 41 12.14 -20.75 8.23
N ASP A 42 13.25 -21.32 7.76
CA ASP A 42 13.33 -22.77 7.62
C ASP A 42 13.20 -23.46 8.98
N ASN A 43 13.92 -22.95 9.99
CA ASN A 43 13.85 -23.57 11.31
C ASN A 43 12.47 -23.43 11.94
N SER A 44 11.79 -22.31 11.69
CA SER A 44 10.46 -22.11 12.23
C SER A 44 9.51 -23.19 11.71
N GLY A 45 8.61 -23.64 12.59
CA GLY A 45 7.67 -24.69 12.22
C GLY A 45 6.40 -24.17 11.60
N LYS A 46 6.53 -23.27 10.63
CA LYS A 46 5.34 -22.72 9.98
C LYS A 46 4.57 -23.80 9.24
N SER A 47 5.27 -24.79 8.67
CA SER A 47 4.58 -25.89 8.01
C SER A 47 3.75 -26.68 9.00
N THR A 48 4.28 -26.90 10.21
CA THR A 48 3.51 -27.58 11.24
C THR A 48 2.30 -26.76 11.67
N ILE A 49 2.43 -25.43 11.70
CA ILE A 49 1.28 -24.58 11.99
C ILE A 49 0.23 -24.74 10.91
N VAL A 50 0.66 -24.79 9.64
CA VAL A 50 -0.30 -24.97 8.55
C VAL A 50 -1.02 -26.31 8.69
N LYS A 51 -0.26 -27.37 8.95
CA LYS A 51 -0.86 -28.69 9.08
C LYS A 51 -1.70 -28.84 10.34
N GLN A 52 -1.48 -27.99 11.34
CA GLN A 52 -2.30 -28.04 12.55
C GLN A 52 -3.77 -27.78 12.24
N MET A 53 -4.04 -26.86 11.32
CA MET A 53 -5.40 -26.38 11.08
C MET A 53 -6.13 -27.43 10.25
N ARG A 54 -6.92 -28.27 10.93
CA ARG A 54 -7.73 -29.28 10.27
C ARG A 54 -9.05 -28.63 9.85
N ILE A 55 -8.95 -27.76 8.85
CA ILE A 55 -10.10 -27.03 8.35
C ILE A 55 -10.73 -26.24 9.49
N THR A 181 6.61 -27.17 -8.47
CA THR A 181 7.26 -25.85 -8.51
C THR A 181 6.25 -24.74 -8.30
N SER A 182 5.25 -24.99 -7.46
CA SER A 182 4.25 -23.99 -7.14
C SER A 182 4.87 -22.87 -6.34
N GLY A 183 4.48 -21.63 -6.65
CA GLY A 183 5.09 -20.47 -6.04
C GLY A 183 4.41 -20.01 -4.76
N ILE A 184 3.18 -20.47 -4.51
CA ILE A 184 2.44 -20.06 -3.32
C ILE A 184 1.40 -21.13 -3.03
N PHE A 185 1.16 -21.36 -1.74
CA PHE A 185 0.19 -22.34 -1.27
C PHE A 185 -0.87 -21.63 -0.46
N GLU A 186 -2.14 -21.97 -0.71
CA GLU A 186 -3.25 -21.40 0.03
C GLU A 186 -3.93 -22.47 0.89
N THR A 187 -4.30 -22.08 2.10
CA THR A 187 -5.03 -22.93 3.02
C THR A 187 -6.29 -22.22 3.45
N LYS A 188 -7.45 -22.85 3.22
CA LYS A 188 -8.72 -22.31 3.65
C LYS A 188 -9.13 -22.98 4.95
N PHE A 189 -9.48 -22.17 5.94
CA PHE A 189 -10.04 -22.73 7.18
C PHE A 189 -11.14 -21.80 7.68
N GLN A 190 -11.89 -22.28 8.66
CA GLN A 190 -13.03 -21.56 9.20
C GLN A 190 -12.98 -21.57 10.71
N VAL A 191 -13.31 -20.43 11.32
CA VAL A 191 -13.47 -20.33 12.76
C VAL A 191 -14.73 -19.51 13.03
N ASP A 192 -15.64 -20.07 13.83
CA ASP A 192 -16.88 -19.38 14.18
C ASP A 192 -17.57 -18.84 12.92
N LYS A 193 -17.57 -19.64 11.86
CA LYS A 193 -18.26 -19.37 10.61
C LYS A 193 -17.64 -18.24 9.79
N VAL A 194 -16.48 -17.72 10.18
CA VAL A 194 -15.75 -16.76 9.35
C VAL A 194 -14.59 -17.48 8.68
N ASN A 195 -14.34 -17.13 7.42
CA ASN A 195 -13.43 -17.87 6.55
C ASN A 195 -12.10 -17.16 6.45
N PHE A 196 -11.01 -17.92 6.60
CA PHE A 196 -9.65 -17.42 6.49
C PHE A 196 -8.94 -18.12 5.35
N HIS A 197 -8.31 -17.32 4.49
CA HIS A 197 -7.40 -17.80 3.45
C HIS A 197 -6.00 -17.42 3.88
N MET A 198 -5.17 -18.41 4.20
CA MET A 198 -3.80 -18.19 4.64
C MET A 198 -2.85 -18.57 3.52
N PHE A 199 -1.95 -17.67 3.17
CA PHE A 199 -1.06 -17.83 2.03
C PHE A 199 0.38 -17.98 2.51
N ASP A 200 1.05 -19.03 2.04
CA ASP A 200 2.44 -19.31 2.39
C ASP A 200 3.23 -19.40 1.09
N VAL A 201 4.24 -18.54 0.94
CA VAL A 201 5.03 -18.54 -0.28
C VAL A 201 5.80 -19.86 -0.38
N GLY A 202 5.81 -20.43 -1.59
CA GLY A 202 6.49 -21.68 -1.82
C GLY A 202 7.83 -21.49 -2.51
N ALA A 203 7.89 -21.75 -3.82
CA ALA A 203 9.13 -21.66 -4.57
C ALA A 203 9.40 -20.21 -4.90
N GLN A 204 10.13 -19.54 -4.01
CA GLN A 204 10.56 -18.17 -4.21
C GLN A 204 12.00 -18.02 -3.76
N ARG A 205 12.70 -17.06 -4.36
CA ARG A 205 14.07 -16.77 -3.95
C ARG A 205 14.07 -16.05 -2.61
N ASP A 206 15.24 -16.04 -1.96
CA ASP A 206 15.34 -15.45 -0.63
C ASP A 206 15.06 -13.95 -0.65
N GLU A 207 15.35 -13.28 -1.76
CA GLU A 207 15.10 -11.85 -1.87
C GLU A 207 13.60 -11.61 -1.94
N ARG A 208 13.04 -10.97 -0.91
CA ARG A 208 11.60 -10.83 -0.76
C ARG A 208 11.13 -9.39 -0.84
N ARG A 209 11.98 -8.43 -1.18
CA ARG A 209 11.54 -7.03 -1.14
C ARG A 209 10.47 -6.72 -2.19
N LYS A 210 10.36 -7.53 -3.23
CA LYS A 210 9.45 -7.22 -4.33
C LYS A 210 8.15 -8.01 -4.27
N TRP A 211 8.20 -9.32 -4.03
CA TRP A 211 6.96 -10.10 -4.00
C TRP A 211 6.19 -9.94 -2.71
N ILE A 212 6.78 -9.33 -1.67
CA ILE A 212 6.05 -9.10 -0.43
C ILE A 212 5.08 -7.94 -0.54
N GLN A 213 5.35 -6.98 -1.43
CA GLN A 213 4.44 -5.85 -1.61
C GLN A 213 3.05 -6.31 -2.04
N CYS A 214 2.93 -7.51 -2.60
CA CYS A 214 1.63 -8.02 -2.98
C CYS A 214 0.70 -8.16 -1.78
N PHE A 215 1.28 -8.34 -0.58
CA PHE A 215 0.50 -8.61 0.63
C PHE A 215 0.30 -7.36 1.48
N ASN A 216 0.15 -6.20 0.86
CA ASN A 216 -0.01 -4.95 1.59
C ASN A 216 -1.44 -4.72 2.06
N ASP A 217 -2.40 -5.56 1.65
CA ASP A 217 -3.79 -5.39 2.02
C ASP A 217 -4.37 -6.63 2.69
N VAL A 218 -3.51 -7.55 3.15
CA VAL A 218 -4.00 -8.69 3.90
C VAL A 218 -4.48 -8.24 5.27
N THR A 219 -5.31 -9.07 5.89
CA THR A 219 -5.79 -8.76 7.23
C THR A 219 -4.64 -8.78 8.24
N ALA A 220 -3.74 -9.74 8.13
CA ALA A 220 -2.64 -9.84 9.08
C ALA A 220 -1.51 -10.68 8.50
N ILE A 221 -0.34 -10.53 9.12
CA ILE A 221 0.82 -11.34 8.83
C ILE A 221 1.11 -12.19 10.06
N ILE A 222 1.03 -13.50 9.91
CA ILE A 222 1.36 -14.44 10.97
C ILE A 222 2.85 -14.73 10.86
N PHE A 223 3.64 -14.15 11.77
CA PHE A 223 5.08 -14.29 11.77
C PHE A 223 5.44 -15.40 12.75
N VAL A 224 6.05 -16.47 12.24
CA VAL A 224 6.44 -17.62 13.06
C VAL A 224 7.94 -17.57 13.27
N VAL A 225 8.37 -17.71 14.52
CA VAL A 225 9.77 -17.60 14.89
C VAL A 225 10.16 -18.81 15.71
N ASP A 226 11.37 -19.32 15.47
CA ASP A 226 11.92 -20.39 16.29
C ASP A 226 12.51 -19.76 17.54
N SER A 227 11.76 -19.81 18.64
CA SER A 227 12.16 -19.12 19.86
C SER A 227 13.26 -19.83 20.63
N SER A 228 13.66 -21.02 20.21
CA SER A 228 14.74 -21.75 20.87
C SER A 228 16.07 -21.13 20.43
N ASP A 229 16.74 -20.45 21.36
CA ASP A 229 17.98 -19.74 21.05
C ASP A 229 19.12 -20.72 20.74
N ASN A 231 23.11 -18.68 16.64
CA ASN A 231 21.67 -18.65 16.86
C ASN A 231 21.02 -17.63 15.92
N ARG A 232 19.83 -17.97 15.43
CA ARG A 232 19.16 -17.20 14.39
C ARG A 232 18.12 -16.23 14.96
N LEU A 233 18.10 -16.03 16.27
CA LEU A 233 17.13 -15.10 16.85
C LEU A 233 17.34 -13.69 16.34
N GLN A 234 18.61 -13.27 16.21
CA GLN A 234 18.88 -11.94 15.66
C GLN A 234 18.41 -11.84 14.22
N GLU A 235 18.56 -12.91 13.43
CA GLU A 235 18.05 -12.91 12.08
C GLU A 235 16.54 -12.75 12.05
N ALA A 236 15.84 -13.46 12.94
CA ALA A 236 14.38 -13.33 13.01
C ALA A 236 14.00 -11.92 13.43
N LEU A 237 14.74 -11.32 14.38
CA LEU A 237 14.46 -9.96 14.79
C LEU A 237 14.64 -8.98 13.64
N ASN A 238 15.70 -9.18 12.85
CA ASN A 238 15.92 -8.31 11.70
C ASN A 238 14.81 -8.46 10.67
N ASP A 239 14.37 -9.69 10.42
CA ASP A 239 13.25 -9.91 9.51
C ASP A 239 11.99 -9.22 10.02
N PHE A 240 11.71 -9.35 11.31
CA PHE A 240 10.53 -8.69 11.87
C PHE A 240 10.64 -7.18 11.76
N ASP A 241 11.83 -6.63 12.01
CA ASP A 241 12.02 -5.18 11.89
C ASP A 241 11.78 -4.72 10.46
N SER A 242 12.33 -5.46 9.49
CA SER A 242 12.14 -5.08 8.09
C SER A 242 10.67 -5.16 7.70
N ILE A 243 9.97 -6.19 8.15
CA ILE A 243 8.54 -6.31 7.86
C ILE A 243 7.79 -5.15 8.49
N TRP A 244 8.12 -4.82 9.74
CA TRP A 244 7.40 -3.77 10.46
C TRP A 244 7.59 -2.41 9.79
N ASN A 245 8.81 -2.09 9.37
CA ASN A 245 9.13 -0.75 8.92
C ASN A 245 9.02 -0.58 7.41
N ASN A 246 8.55 -1.59 6.67
CA ASN A 246 8.39 -1.44 5.24
C ASN A 246 7.26 -0.46 4.94
N ARG A 247 7.44 0.37 3.89
CA ARG A 247 6.47 1.43 3.56
C ARG A 247 5.10 0.88 3.18
N TRP A 248 5.00 -0.39 2.76
CA TRP A 248 3.72 -0.93 2.31
C TRP A 248 3.07 -1.85 3.33
N LEU A 249 3.86 -2.45 4.22
CA LEU A 249 3.33 -3.26 5.31
C LEU A 249 3.17 -2.46 6.60
N ARG A 250 3.44 -1.15 6.56
CA ARG A 250 3.33 -0.28 7.74
C ARG A 250 1.94 -0.22 8.38
N THR A 251 0.87 -0.52 7.63
CA THR A 251 -0.49 -0.51 8.16
C THR A 251 -1.02 -1.90 8.44
N ILE A 252 -0.19 -2.93 8.30
CA ILE A 252 -0.60 -4.32 8.48
C ILE A 252 -0.13 -4.78 9.85
N SER A 253 -1.07 -5.23 10.68
CA SER A 253 -0.71 -5.79 11.97
C SER A 253 -0.08 -7.16 11.78
N VAL A 254 0.73 -7.56 12.76
CA VAL A 254 1.49 -8.80 12.70
C VAL A 254 1.11 -9.65 13.91
N ILE A 255 0.72 -10.89 13.64
CA ILE A 255 0.55 -11.89 14.69
C ILE A 255 1.85 -12.64 14.82
N LEU A 256 2.48 -12.56 15.99
CA LEU A 256 3.81 -13.10 16.21
C LEU A 256 3.68 -14.39 17.01
N PHE A 257 4.01 -15.51 16.37
CA PHE A 257 4.01 -16.82 17.02
C PHE A 257 5.44 -17.16 17.40
N LEU A 258 5.74 -17.04 18.70
CA LEU A 258 7.05 -17.46 19.22
C LEU A 258 7.01 -18.98 19.33
N ASN A 259 7.16 -19.62 18.18
CA ASN A 259 6.93 -21.05 18.05
C ASN A 259 8.03 -21.85 18.76
N LYS A 260 7.77 -23.14 18.94
CA LYS A 260 8.73 -24.07 19.51
C LYS A 260 9.16 -23.63 20.91
N GLN A 261 8.15 -23.47 21.77
CA GLN A 261 8.41 -23.08 23.15
C GLN A 261 8.94 -24.24 23.99
N ASP A 262 8.49 -25.46 23.68
CA ASP A 262 8.98 -26.62 24.43
C ASP A 262 10.48 -26.80 24.25
N LEU A 263 10.98 -26.64 23.03
CA LEU A 263 12.42 -26.73 22.80
C LEU A 263 13.16 -25.64 23.58
N LEU A 264 12.61 -24.42 23.59
CA LEU A 264 13.20 -23.35 24.37
C LEU A 264 13.29 -23.73 25.84
N ALA A 265 12.21 -24.29 26.38
CA ALA A 265 12.22 -24.70 27.79
C ALA A 265 13.27 -25.76 28.04
N GLU A 266 13.34 -26.78 27.17
CA GLU A 266 14.31 -27.84 27.38
C GLU A 266 15.74 -27.32 27.35
N LYS A 267 16.05 -26.47 26.37
CA LYS A 267 17.43 -25.99 26.26
C LYS A 267 17.77 -24.93 27.30
N VAL A 268 16.78 -24.19 27.81
CA VAL A 268 17.05 -23.27 28.91
C VAL A 268 17.32 -24.06 30.19
N LEU A 269 16.56 -25.12 30.43
CA LEU A 269 16.80 -25.94 31.60
C LEU A 269 18.11 -26.72 31.48
N ALA A 270 18.53 -27.04 30.25
CA ALA A 270 19.78 -27.75 30.05
C ALA A 270 20.97 -26.94 30.56
N GLY A 271 20.98 -25.64 30.26
CA GLY A 271 22.04 -24.77 30.72
C GLY A 271 23.29 -24.76 29.88
N LYS A 272 23.35 -25.58 28.82
CA LYS A 272 24.54 -25.59 27.98
C LYS A 272 24.64 -24.31 27.15
N SER A 273 23.50 -23.81 26.67
CA SER A 273 23.46 -22.60 25.87
C SER A 273 23.06 -21.41 26.73
N LYS A 274 23.68 -20.25 26.47
CA LYS A 274 23.44 -19.03 27.21
C LYS A 274 22.87 -17.97 26.27
N ILE A 275 21.73 -17.40 26.66
CA ILE A 275 21.13 -16.34 25.85
C ILE A 275 22.01 -15.10 25.87
N GLU A 276 22.66 -14.81 27.00
CA GLU A 276 23.49 -13.62 27.09
C GLU A 276 24.62 -13.63 26.08
N ASP A 277 25.02 -14.80 25.59
CA ASP A 277 26.08 -14.85 24.58
C ASP A 277 25.67 -14.10 23.32
N TYR A 278 24.42 -14.23 22.90
CA TYR A 278 23.91 -13.54 21.72
C TYR A 278 23.19 -12.25 22.05
N PHE A 279 22.64 -12.12 23.26
CA PHE A 279 21.94 -10.92 23.70
C PHE A 279 22.48 -10.53 25.06
N PRO A 280 23.57 -9.76 25.10
CA PRO A 280 24.17 -9.43 26.41
C PRO A 280 23.23 -8.70 27.34
N GLU A 281 22.25 -7.98 26.81
CA GLU A 281 21.28 -7.29 27.67
C GLU A 281 20.57 -8.28 28.60
N PHE A 282 20.46 -9.55 28.19
CA PHE A 282 19.81 -10.53 29.04
C PHE A 282 20.52 -10.69 30.38
N ALA A 283 21.83 -10.39 30.42
CA ALA A 283 22.56 -10.50 31.67
C ALA A 283 22.02 -9.56 32.74
N ARG A 284 21.33 -8.49 32.33
CA ARG A 284 20.74 -7.54 33.27
C ARG A 284 19.22 -7.62 33.32
N TYR A 285 18.57 -8.13 32.28
CA TYR A 285 17.11 -8.17 32.25
C TYR A 285 16.58 -9.08 33.35
N THR A 286 15.48 -8.65 33.96
CA THR A 286 14.76 -9.44 34.95
C THR A 286 13.28 -9.41 34.61
N THR A 287 12.59 -10.52 34.86
CA THR A 287 11.19 -10.61 34.50
C THR A 287 10.40 -9.52 35.22
N PRO A 288 9.44 -8.87 34.55
CA PRO A 288 8.70 -7.80 35.21
C PRO A 288 7.91 -8.32 36.40
N GLU A 289 7.75 -7.46 37.41
CA GLU A 289 7.05 -7.85 38.63
C GLU A 289 5.63 -8.29 38.37
N ASP A 290 5.02 -7.84 37.27
CA ASP A 290 3.64 -8.18 36.92
C ASP A 290 3.57 -9.23 35.82
N ALA A 291 4.50 -10.19 35.83
CA ALA A 291 4.49 -11.25 34.84
C ALA A 291 3.34 -12.21 35.11
N THR A 292 3.03 -13.03 34.11
CA THR A 292 1.96 -14.03 34.20
C THR A 292 2.51 -15.37 33.74
N PRO A 293 3.47 -15.93 34.48
CA PRO A 293 3.99 -17.25 34.11
C PRO A 293 2.91 -18.32 34.20
N GLU A 294 2.97 -19.28 33.28
CA GLU A 294 2.09 -20.42 33.34
C GLU A 294 2.40 -21.21 34.62
N PRO A 295 1.40 -21.62 35.39
CA PRO A 295 1.70 -22.28 36.68
C PRO A 295 2.58 -23.50 36.49
N GLY A 296 3.56 -23.63 37.39
CA GLY A 296 4.51 -24.71 37.32
C GLY A 296 5.71 -24.45 36.41
N GLU A 297 5.77 -23.29 35.78
CA GLU A 297 6.88 -22.97 34.88
C GLU A 297 8.09 -22.50 35.68
N ASP A 298 9.26 -22.99 35.29
CA ASP A 298 10.49 -22.58 35.96
C ASP A 298 10.75 -21.10 35.69
N PRO A 299 11.11 -20.31 36.70
CA PRO A 299 11.31 -18.87 36.45
C PRO A 299 12.37 -18.56 35.41
N ARG A 300 13.36 -19.44 35.22
CA ARG A 300 14.35 -19.21 34.18
C ARG A 300 13.71 -19.24 32.80
N VAL A 301 12.83 -20.21 32.56
CA VAL A 301 12.12 -20.29 31.29
C VAL A 301 11.25 -19.05 31.09
N THR A 302 10.57 -18.63 32.15
CA THR A 302 9.75 -17.42 32.08
C THR A 302 10.60 -16.22 31.68
N ARG A 303 11.76 -16.06 32.34
CA ARG A 303 12.62 -14.94 32.05
C ARG A 303 13.07 -14.96 30.59
N ALA A 304 13.50 -16.12 30.10
CA ALA A 304 13.99 -16.21 28.73
C ALA A 304 12.88 -15.90 27.73
N LYS A 305 11.72 -16.54 27.91
CA LYS A 305 10.64 -16.36 26.94
C LYS A 305 10.14 -14.92 26.93
N TYR A 306 9.98 -14.31 28.11
CA TYR A 306 9.53 -12.92 28.15
C TYR A 306 10.62 -11.97 27.65
N PHE A 307 11.89 -12.33 27.81
CA PHE A 307 12.95 -11.51 27.24
C PHE A 307 12.88 -11.50 25.72
N ILE A 308 12.67 -12.66 25.10
CA ILE A 308 12.55 -12.72 23.65
C ILE A 308 11.30 -11.97 23.20
N ARG A 309 10.19 -12.16 23.91
CA ARG A 309 8.96 -11.45 23.58
C ARG A 309 9.16 -9.94 23.66
N LYS A 310 9.85 -9.47 24.70
CA LYS A 310 10.14 -8.05 24.82
C LYS A 310 11.07 -7.56 23.72
N GLU A 311 12.01 -8.41 23.30
CA GLU A 311 12.88 -8.03 22.19
C GLU A 311 12.05 -7.76 20.94
N PHE A 312 11.06 -8.61 20.66
CA PHE A 312 10.22 -8.37 19.49
C PHE A 312 9.31 -7.16 19.70
N VAL A 313 8.76 -7.02 20.91
CA VAL A 313 7.83 -5.91 21.17
C VAL A 313 8.55 -4.57 21.11
N ASP A 314 9.83 -4.52 21.45
CA ASP A 314 10.56 -3.27 21.37
C ASP A 314 10.63 -2.77 19.93
N ILE A 315 10.92 -3.67 18.99
CA ILE A 315 10.88 -3.30 17.58
C ILE A 315 9.46 -2.92 17.18
N SER A 316 8.47 -3.65 17.69
CA SER A 316 7.09 -3.35 17.32
C SER A 316 6.69 -1.94 17.74
N THR A 317 7.06 -1.52 18.95
CA THR A 317 6.65 -0.24 19.50
C THR A 317 7.60 0.90 19.16
N ALA A 318 8.79 0.61 18.65
CA ALA A 318 9.73 1.68 18.32
C ALA A 318 9.21 2.59 17.22
N SER A 319 8.23 2.13 16.45
CA SER A 319 7.64 2.93 15.38
C SER A 319 6.23 2.41 15.14
N GLY A 320 5.57 3.00 14.14
CA GLY A 320 4.24 2.60 13.76
C GLY A 320 3.13 3.51 14.26
N ASP A 321 3.42 4.35 15.26
CA ASP A 321 2.47 5.33 15.78
C ASP A 321 1.09 4.71 16.05
N GLY A 322 1.05 3.42 16.36
CA GLY A 322 -0.15 2.79 16.87
C GLY A 322 -1.22 2.48 15.85
N ARG A 323 -0.93 2.61 14.53
CA ARG A 323 -1.92 2.24 13.49
C ARG A 323 -1.86 0.74 13.18
N HIS A 324 -0.76 0.05 13.53
CA HIS A 324 -0.74 -1.39 13.43
C HIS A 324 -0.10 -1.96 14.68
N ILE A 325 -0.51 -3.17 15.05
CA ILE A 325 -0.18 -3.74 16.35
C ILE A 325 0.53 -5.07 16.12
N CYS A 326 1.30 -5.48 17.13
CA CYS A 326 1.94 -6.79 17.17
C CYS A 326 1.30 -7.59 18.29
N TYR A 327 0.94 -8.84 18.00
CA TYR A 327 0.27 -9.72 18.95
C TYR A 327 1.18 -10.91 19.23
N PRO A 328 2.00 -10.85 20.27
CA PRO A 328 2.91 -11.97 20.56
C PRO A 328 2.18 -13.12 21.23
N HIS A 329 2.47 -14.34 20.77
CA HIS A 329 1.92 -15.55 21.34
C HIS A 329 3.01 -16.59 21.49
N PHE A 330 2.95 -17.35 22.58
CA PHE A 330 3.83 -18.50 22.78
C PHE A 330 3.12 -19.74 22.29
N THR A 331 3.62 -20.33 21.21
CA THR A 331 3.01 -21.48 20.56
C THR A 331 3.98 -22.66 20.54
N CYS A 332 3.44 -23.83 20.25
CA CYS A 332 4.22 -25.05 20.13
C CYS A 332 3.76 -25.80 18.88
N ALA A 333 4.39 -26.96 18.63
CA ALA A 333 3.95 -27.82 17.55
C ALA A 333 2.69 -28.60 17.91
N VAL A 334 2.52 -28.93 19.19
CA VAL A 334 1.36 -29.70 19.63
C VAL A 334 0.17 -28.83 19.99
N ASP A 335 0.30 -27.51 19.87
CA ASP A 335 -0.81 -26.63 20.21
C ASP A 335 -1.96 -26.79 19.23
N THR A 336 -3.18 -26.76 19.75
CA THR A 336 -4.38 -26.91 18.94
C THR A 336 -5.25 -25.66 18.94
N GLU A 337 -4.81 -24.57 19.57
CA GLU A 337 -5.59 -23.34 19.66
C GLU A 337 -4.99 -22.21 18.84
N ASN A 338 -4.07 -22.50 17.92
CA ASN A 338 -3.48 -21.46 17.10
C ASN A 338 -4.55 -20.81 16.22
N ALA A 339 -5.48 -21.61 15.71
CA ALA A 339 -6.59 -21.04 14.94
C ALA A 339 -7.40 -20.08 15.79
N ARG A 340 -7.65 -20.43 17.04
CA ARG A 340 -8.38 -19.54 17.94
C ARG A 340 -7.60 -18.25 18.18
N ARG A 341 -6.29 -18.36 18.36
CA ARG A 341 -5.47 -17.15 18.53
C ARG A 341 -5.56 -16.25 17.32
N ILE A 342 -5.46 -16.82 16.12
CA ILE A 342 -5.53 -16.02 14.91
C ILE A 342 -6.91 -15.39 14.78
N PHE A 343 -7.95 -16.15 15.09
CA PHE A 343 -9.31 -15.61 14.99
C PHE A 343 -9.50 -14.43 15.94
N ASN A 344 -9.03 -14.56 17.18
CA ASN A 344 -9.17 -13.47 18.13
C ASN A 344 -8.36 -12.24 17.71
N ASP A 345 -7.13 -12.45 17.25
CA ASP A 345 -6.31 -11.32 16.83
C ASP A 345 -6.90 -10.63 15.61
N CYS A 346 -7.46 -11.41 14.67
CA CYS A 346 -8.12 -10.80 13.53
C CYS A 346 -9.39 -10.08 13.94
N LYS A 347 -10.09 -10.58 14.95
CA LYS A 347 -11.24 -9.85 15.48
C LYS A 347 -10.80 -8.50 16.03
N ASP A 348 -9.69 -8.48 16.76
CA ASP A 348 -9.20 -7.20 17.28
C ASP A 348 -8.74 -6.28 16.16
N ILE A 349 -8.10 -6.83 15.14
CA ILE A 349 -7.64 -6.01 14.02
C ILE A 349 -8.84 -5.39 13.29
N ILE A 350 -9.88 -6.19 13.07
CA ILE A 350 -11.09 -5.68 12.41
C ILE A 350 -11.77 -4.65 13.29
N LEU A 351 -11.77 -4.87 14.61
CA LEU A 351 -12.33 -3.88 15.52
C LEU A 351 -11.58 -2.56 15.41
N GLN A 352 -10.25 -2.61 15.36
CA GLN A 352 -9.48 -1.39 15.22
C GLN A 352 -9.75 -0.71 13.89
N MET A 353 -9.86 -1.49 12.81
CA MET A 353 -10.17 -0.90 11.51
C MET A 353 -11.52 -0.19 11.53
N ASN A 354 -12.54 -0.86 12.06
CA ASN A 354 -13.87 -0.24 12.13
C ASN A 354 -13.87 0.98 13.03
N LEU A 355 -13.18 0.89 14.17
CA LEU A 355 -13.11 2.01 15.10
C LEU A 355 -12.42 3.20 14.47
N ARG A 356 -11.44 2.95 13.60
CA ARG A 356 -10.75 4.03 12.91
C ARG A 356 -11.63 4.64 11.83
N GLU A 357 -12.33 3.81 11.05
CA GLU A 357 -13.17 4.34 9.99
C GLU A 357 -14.36 5.11 10.56
N TYR A 358 -14.85 4.71 11.73
CA TYR A 358 -16.01 5.37 12.38
C TYR A 358 -15.58 6.58 13.16
N ASN A 359 -14.34 7.02 12.94
CA ASN A 359 -13.80 8.25 13.51
C ASN A 359 -13.64 8.19 15.01
N LEU A 360 -13.88 7.03 15.64
CA LEU A 360 -13.71 6.90 17.08
C LEU A 360 -12.25 6.84 17.50
N VAL A 361 -11.32 6.73 16.55
CA VAL A 361 -9.91 6.66 16.86
C VAL A 361 -9.13 7.45 15.82
N GLU B 14 43.02 -18.55 -9.58
CA GLU B 14 42.38 -18.28 -10.90
C GLU B 14 41.19 -17.35 -10.73
N LEU B 15 40.53 -17.43 -9.58
CA LEU B 15 39.40 -16.54 -9.30
C LEU B 15 39.84 -15.09 -9.35
N ASP B 16 40.98 -14.77 -8.73
CA ASP B 16 41.50 -13.42 -8.80
C ASP B 16 41.84 -13.03 -10.23
N GLN B 17 42.43 -13.98 -10.99
CA GLN B 17 42.76 -13.70 -12.39
C GLN B 17 41.51 -13.40 -13.20
N LEU B 18 40.46 -14.21 -13.03
CA LEU B 18 39.22 -13.98 -13.76
C LEU B 18 38.58 -12.66 -13.36
N ARG B 19 38.61 -12.34 -12.07
CA ARG B 19 38.05 -11.06 -11.62
C ARG B 19 38.82 -9.90 -12.21
N GLN B 20 40.15 -10.01 -12.28
CA GLN B 20 40.96 -8.95 -12.89
C GLN B 20 40.66 -8.82 -14.38
N GLU B 21 40.47 -9.94 -15.07
CA GLU B 21 40.12 -9.88 -16.48
C GLU B 21 38.76 -9.21 -16.66
N ALA B 22 37.79 -9.53 -15.81
CA ALA B 22 36.49 -8.89 -15.89
C ALA B 22 36.62 -7.39 -15.62
N GLU B 23 37.44 -7.01 -14.65
CA GLU B 23 37.65 -5.60 -14.37
C GLU B 23 38.28 -4.88 -15.57
N GLN B 24 39.25 -5.52 -16.21
CA GLN B 24 39.87 -4.91 -17.38
C GLN B 24 38.86 -4.73 -18.51
N LEU B 25 38.04 -5.75 -18.77
CA LEU B 25 37.03 -5.64 -19.81
C LEU B 25 36.01 -4.55 -19.49
N LYS B 26 35.62 -4.45 -18.21
CA LYS B 26 34.66 -3.42 -17.81
C LYS B 26 35.26 -2.02 -17.93
N ASN B 27 36.56 -1.88 -17.61
CA ASN B 27 37.22 -0.61 -17.84
C ASN B 27 37.27 -0.27 -19.32
N GLN B 28 37.54 -1.26 -20.16
CA GLN B 28 37.54 -1.03 -21.61
C GLN B 28 36.18 -0.56 -22.08
N ILE B 29 35.11 -1.21 -21.60
CA ILE B 29 33.75 -0.81 -21.98
C ILE B 29 33.47 0.61 -21.51
N ARG B 30 33.87 0.93 -20.29
CA ARG B 30 33.63 2.28 -19.77
C ARG B 30 34.35 3.31 -20.62
N ASP B 31 35.61 3.03 -20.98
CA ASP B 31 36.39 3.96 -21.78
C ASP B 31 35.77 4.15 -23.17
N ALA B 32 35.32 3.06 -23.78
CA ALA B 32 34.66 3.18 -25.08
C ALA B 32 33.39 4.02 -24.98
N ARG B 33 32.59 3.79 -23.95
CA ARG B 33 31.37 4.58 -23.78
C ARG B 33 31.70 6.06 -23.56
N LYS B 34 32.71 6.35 -22.74
CA LYS B 34 33.10 7.73 -22.51
C LYS B 34 33.59 8.38 -23.79
N ALA B 35 34.36 7.65 -24.59
CA ALA B 35 34.84 8.19 -25.86
C ALA B 35 33.67 8.50 -26.79
N CYS B 36 32.68 7.60 -26.85
CA CYS B 36 31.53 7.84 -27.71
C CYS B 36 30.66 8.99 -27.23
N ALA B 37 30.78 9.39 -25.96
CA ALA B 37 29.96 10.46 -25.41
C ALA B 37 30.57 11.84 -25.70
N ASP B 38 30.60 12.18 -26.98
CA ASP B 38 31.12 13.48 -27.40
C ASP B 38 30.22 14.63 -26.96
N ALA B 39 28.94 14.36 -26.72
CA ALA B 39 28.00 15.40 -26.31
C ALA B 39 26.85 14.75 -25.55
N THR B 40 26.09 15.59 -24.83
CA THR B 40 24.95 15.14 -24.06
C THR B 40 23.67 15.45 -24.83
N LEU B 41 22.62 14.66 -24.55
CA LEU B 41 21.35 14.84 -25.24
C LEU B 41 20.76 16.22 -24.94
N SER B 42 20.91 16.70 -23.71
CA SER B 42 20.38 18.01 -23.36
C SER B 42 21.05 19.11 -24.17
N GLN B 43 22.36 19.01 -24.37
CA GLN B 43 23.08 20.02 -25.14
C GLN B 43 22.51 20.17 -26.53
N ILE B 44 22.05 19.07 -27.14
CA ILE B 44 21.51 19.12 -28.49
C ILE B 44 20.03 19.47 -28.50
N THR B 45 19.27 19.02 -27.50
CA THR B 45 17.84 19.32 -27.42
C THR B 45 17.56 20.73 -26.93
N ASN B 46 18.58 21.45 -26.45
CA ASN B 46 18.39 22.86 -26.13
C ASN B 46 17.92 23.66 -27.34
N ASN B 47 18.23 23.20 -28.56
CA ASN B 47 17.88 23.94 -29.75
C ASN B 47 16.38 23.99 -30.02
N ILE B 48 15.62 23.03 -29.50
CA ILE B 48 14.20 22.90 -29.82
C ILE B 48 13.37 23.52 -28.70
N ASP B 49 12.22 24.07 -29.09
CA ASP B 49 11.34 24.72 -28.12
C ASP B 49 10.69 23.68 -27.21
N PRO B 50 10.24 24.09 -26.03
CA PRO B 50 9.68 23.14 -25.09
C PRO B 50 8.30 22.67 -25.54
N VAL B 51 7.87 21.53 -24.98
CA VAL B 51 6.58 20.95 -25.33
C VAL B 51 5.41 21.71 -24.72
N GLY B 52 5.68 22.64 -23.80
CA GLY B 52 4.63 23.38 -23.15
C GLY B 52 3.91 22.57 -22.09
N ARG B 53 2.91 23.18 -21.49
CA ARG B 53 2.13 22.51 -20.46
C ARG B 53 1.30 21.40 -21.10
N ILE B 54 1.37 20.20 -20.52
CA ILE B 54 0.61 19.05 -20.98
C ILE B 54 -0.41 18.73 -19.91
N GLN B 55 -1.64 19.19 -20.11
CA GLN B 55 -2.74 18.97 -19.17
C GLN B 55 -3.70 17.96 -19.77
N MET B 56 -3.89 16.85 -19.06
CA MET B 56 -4.75 15.77 -19.52
C MET B 56 -5.89 15.58 -18.54
N ARG B 57 -7.08 15.32 -19.07
CA ARG B 57 -8.28 15.15 -18.26
C ARG B 57 -8.65 13.67 -18.21
N THR B 58 -9.28 13.29 -17.10
CA THR B 58 -9.75 11.92 -16.89
C THR B 58 -11.06 11.73 -17.66
N ARG B 59 -10.96 11.14 -18.85
CA ARG B 59 -12.15 10.95 -19.68
C ARG B 59 -13.00 9.79 -19.20
N ARG B 60 -12.34 8.74 -18.70
CA ARG B 60 -13.06 7.55 -18.21
C ARG B 60 -12.50 7.00 -16.92
N THR B 61 -13.36 6.50 -16.04
CA THR B 61 -12.94 5.84 -14.81
C THR B 61 -13.57 4.46 -14.80
N LEU B 62 -12.74 3.42 -14.90
CA LEU B 62 -13.21 2.06 -15.02
C LEU B 62 -13.26 1.42 -13.64
N ARG B 63 -14.47 1.24 -13.12
CA ARG B 63 -14.70 0.65 -11.81
C ARG B 63 -15.17 -0.78 -11.96
N GLY B 64 -14.89 -1.59 -10.94
CA GLY B 64 -15.30 -2.98 -10.95
C GLY B 64 -14.32 -3.92 -10.28
N HIS B 65 -13.07 -3.48 -10.11
CA HIS B 65 -12.07 -4.29 -9.43
C HIS B 65 -12.21 -4.14 -7.92
N LEU B 66 -12.09 -5.26 -7.20
CA LEU B 66 -12.26 -5.28 -5.76
C LEU B 66 -10.97 -5.03 -5.00
N ALA B 67 -9.83 -4.98 -5.68
CA ALA B 67 -8.55 -4.83 -5.00
C ALA B 67 -7.60 -4.08 -5.93
N LYS B 68 -6.31 -4.10 -5.59
CA LYS B 68 -5.32 -3.38 -6.38
C LYS B 68 -5.30 -3.88 -7.81
N ILE B 69 -5.14 -2.95 -8.75
CA ILE B 69 -4.84 -3.29 -10.13
C ILE B 69 -3.33 -3.36 -10.27
N TYR B 70 -2.80 -4.55 -10.50
CA TYR B 70 -1.36 -4.69 -10.59
C TYR B 70 -0.82 -4.44 -11.98
N ALA B 71 -1.62 -4.75 -13.01
CA ALA B 71 -1.13 -4.62 -14.38
C ALA B 71 -2.31 -4.34 -15.30
N MET B 72 -1.98 -3.84 -16.49
CA MET B 72 -2.97 -3.64 -17.54
C MET B 72 -2.24 -3.65 -18.87
N HIS B 73 -3.00 -3.84 -19.95
CA HIS B 73 -2.42 -3.85 -21.28
C HIS B 73 -3.50 -3.50 -22.29
N TRP B 74 -3.20 -2.56 -23.18
CA TRP B 74 -4.12 -2.21 -24.23
C TRP B 74 -4.14 -3.27 -25.32
N GLY B 75 -5.31 -3.47 -25.91
CA GLY B 75 -5.38 -4.26 -27.12
C GLY B 75 -4.85 -3.49 -28.31
N THR B 76 -4.38 -4.23 -29.32
CA THR B 76 -3.81 -3.58 -30.49
C THR B 76 -4.84 -2.74 -31.24
N ASP B 77 -6.13 -3.01 -31.04
CA ASP B 77 -7.17 -2.24 -31.71
C ASP B 77 -7.35 -0.85 -31.13
N SER B 78 -6.71 -0.56 -29.98
CA SER B 78 -6.73 0.73 -29.29
C SER B 78 -8.03 0.95 -28.53
N ARG B 79 -8.95 -0.01 -28.49
CA ARG B 79 -10.23 0.14 -27.82
C ARG B 79 -10.35 -0.76 -26.59
N LEU B 80 -10.14 -2.06 -26.76
CA LEU B 80 -10.26 -3.02 -25.67
C LEU B 80 -8.97 -3.08 -24.86
N LEU B 81 -9.11 -3.16 -23.54
CA LEU B 81 -7.95 -3.24 -22.68
C LEU B 81 -8.22 -4.20 -21.53
N VAL B 82 -7.20 -4.98 -21.18
CA VAL B 82 -7.29 -5.95 -20.09
C VAL B 82 -6.57 -5.39 -18.88
N SER B 83 -7.16 -5.60 -17.70
CA SER B 83 -6.55 -5.19 -16.45
C SER B 83 -6.66 -6.33 -15.44
N ALA B 84 -5.58 -6.59 -14.72
CA ALA B 84 -5.51 -7.68 -13.76
C ALA B 84 -5.44 -7.10 -12.36
N SER B 85 -6.23 -7.67 -11.44
CA SER B 85 -6.28 -7.21 -10.07
C SER B 85 -5.97 -8.38 -9.14
N GLN B 86 -5.48 -8.05 -7.95
CA GLN B 86 -5.08 -9.06 -6.99
C GLN B 86 -6.24 -9.63 -6.18
N ASP B 87 -7.48 -9.40 -6.63
CA ASP B 87 -8.63 -10.09 -6.10
C ASP B 87 -8.90 -11.40 -6.81
N GLY B 88 -8.08 -11.77 -7.78
CA GLY B 88 -8.29 -12.97 -8.55
C GLY B 88 -9.08 -12.80 -9.81
N LYS B 89 -9.08 -11.60 -10.39
CA LYS B 89 -9.90 -11.29 -11.55
C LYS B 89 -9.11 -10.46 -12.54
N LEU B 90 -9.25 -10.77 -13.83
CA LEU B 90 -8.79 -9.88 -14.87
C LEU B 90 -9.96 -9.55 -15.78
N ILE B 91 -10.17 -8.26 -16.01
CA ILE B 91 -11.34 -7.76 -16.73
C ILE B 91 -10.89 -7.17 -18.05
N ILE B 92 -11.53 -7.60 -19.13
CA ILE B 92 -11.36 -6.98 -20.44
C ILE B 92 -12.50 -5.97 -20.61
N TRP B 93 -12.13 -4.69 -20.68
CA TRP B 93 -13.05 -3.58 -20.83
C TRP B 93 -13.03 -3.06 -22.26
N ASP B 94 -14.16 -2.48 -22.66
CA ASP B 94 -14.25 -1.63 -23.84
C ASP B 94 -14.17 -0.20 -23.34
N SER B 95 -13.02 0.45 -23.56
CA SER B 95 -12.79 1.76 -22.97
C SER B 95 -13.76 2.80 -23.52
N TYR B 96 -14.11 2.71 -24.80
CA TYR B 96 -14.97 3.72 -25.40
C TYR B 96 -16.28 3.85 -24.65
N THR B 97 -16.90 2.73 -24.30
CA THR B 97 -18.22 2.73 -23.67
C THR B 97 -18.20 2.31 -22.21
N THR B 98 -17.04 1.96 -21.66
CA THR B 98 -16.87 1.53 -20.28
C THR B 98 -17.45 0.15 -20.02
N ASN B 99 -18.07 -0.49 -21.01
CA ASN B 99 -18.60 -1.83 -20.81
C ASN B 99 -17.47 -2.81 -20.54
N LYS B 100 -17.74 -3.79 -19.69
CA LYS B 100 -16.81 -4.87 -19.42
C LYS B 100 -17.12 -6.03 -20.35
N VAL B 101 -16.23 -6.30 -21.30
CA VAL B 101 -16.46 -7.39 -22.24
C VAL B 101 -16.31 -8.73 -21.55
N HIS B 102 -15.27 -8.89 -20.72
CA HIS B 102 -15.04 -10.14 -20.02
C HIS B 102 -14.59 -9.88 -18.60
N ALA B 103 -14.87 -10.84 -17.72
CA ALA B 103 -14.38 -10.84 -16.34
C ALA B 103 -13.89 -12.25 -16.04
N ILE B 104 -12.63 -12.54 -16.34
CA ILE B 104 -12.06 -13.87 -16.20
C ILE B 104 -11.64 -14.05 -14.74
N PRO B 105 -12.13 -15.07 -14.04
CA PRO B 105 -11.61 -15.36 -12.70
C PRO B 105 -10.34 -16.19 -12.80
N LEU B 106 -9.39 -15.91 -11.90
CA LEU B 106 -8.08 -16.53 -11.94
C LEU B 106 -7.94 -17.59 -10.86
N ARG B 107 -7.18 -18.65 -11.19
CA ARG B 107 -6.92 -19.70 -10.23
C ARG B 107 -6.14 -19.15 -9.03
N SER B 108 -5.17 -18.30 -9.27
CA SER B 108 -4.36 -17.68 -8.22
C SER B 108 -4.73 -16.21 -8.11
N SER B 109 -5.01 -15.76 -6.88
CA SER B 109 -5.40 -14.37 -6.67
C SER B 109 -4.25 -13.41 -6.94
N TRP B 110 -3.02 -13.83 -6.67
CA TRP B 110 -1.86 -12.93 -6.70
C TRP B 110 -1.29 -12.82 -8.12
N VAL B 111 -2.02 -12.10 -8.95
CA VAL B 111 -1.57 -11.84 -10.32
C VAL B 111 -0.81 -10.54 -10.34
N MET B 112 0.42 -10.57 -10.89
CA MET B 112 1.28 -9.41 -10.97
C MET B 112 1.43 -8.88 -12.38
N THR B 113 0.98 -9.61 -13.40
CA THR B 113 1.11 -9.17 -14.77
C THR B 113 -0.05 -9.69 -15.60
N CYS B 114 -0.29 -9.03 -16.72
CA CYS B 114 -1.29 -9.47 -17.69
C CYS B 114 -0.89 -8.95 -19.06
N ALA B 115 -1.26 -9.68 -20.10
CA ALA B 115 -0.93 -9.32 -21.46
C ALA B 115 -2.13 -9.56 -22.36
N TYR B 116 -2.19 -8.82 -23.45
CA TYR B 116 -3.26 -8.97 -24.42
C TYR B 116 -2.55 -9.40 -25.70
N ALA B 117 -3.05 -10.44 -26.34
CA ALA B 117 -2.44 -10.93 -27.57
C ALA B 117 -2.58 -9.88 -28.67
N PRO B 118 -1.55 -9.66 -29.49
CA PRO B 118 -1.67 -8.66 -30.57
C PRO B 118 -2.79 -8.96 -31.53
N SER B 119 -3.18 -10.22 -31.70
CA SER B 119 -4.32 -10.57 -32.52
C SER B 119 -5.64 -10.41 -31.79
N GLY B 120 -5.62 -10.22 -30.48
CA GLY B 120 -6.82 -10.07 -29.70
C GLY B 120 -7.51 -11.36 -29.33
N ASN B 121 -6.96 -12.51 -29.72
CA ASN B 121 -7.63 -13.78 -29.49
C ASN B 121 -7.40 -14.31 -28.09
N TYR B 122 -6.23 -14.08 -27.51
CA TYR B 122 -5.87 -14.63 -26.22
C TYR B 122 -5.50 -13.51 -25.25
N VAL B 123 -5.46 -13.87 -23.97
CA VAL B 123 -4.83 -13.03 -22.95
C VAL B 123 -3.92 -13.93 -22.13
N ALA B 124 -2.99 -13.30 -21.42
CA ALA B 124 -2.06 -14.00 -20.56
C ALA B 124 -1.99 -13.31 -19.21
N CYS B 125 -1.69 -14.10 -18.19
CA CYS B 125 -1.52 -13.56 -16.84
C CYS B 125 -0.60 -14.45 -16.05
N GLY B 126 -0.12 -13.94 -14.93
CA GLY B 126 0.76 -14.72 -14.07
C GLY B 126 1.08 -13.92 -12.84
N GLY B 127 1.80 -14.57 -11.91
CA GLY B 127 2.14 -13.90 -10.68
C GLY B 127 2.92 -14.77 -9.72
N LEU B 128 2.52 -14.75 -8.44
CA LEU B 128 3.22 -15.53 -7.43
C LEU B 128 3.06 -17.03 -7.61
N ASP B 129 2.16 -17.46 -8.49
CA ASP B 129 2.00 -18.88 -8.78
C ASP B 129 3.10 -19.44 -9.66
N ASN B 130 3.96 -18.60 -10.21
CA ASN B 130 5.06 -19.01 -11.09
C ASN B 130 4.57 -19.62 -12.39
N ILE B 131 3.31 -19.39 -12.75
CA ILE B 131 2.70 -20.01 -13.92
C ILE B 131 2.13 -18.91 -14.80
N CYS B 132 2.33 -19.02 -16.10
CA CYS B 132 1.76 -18.09 -17.06
C CYS B 132 0.52 -18.76 -17.68
N SER B 133 -0.65 -18.29 -17.28
CA SER B 133 -1.90 -18.82 -17.80
C SER B 133 -2.30 -18.06 -19.06
N ILE B 134 -2.57 -18.82 -20.12
CA ILE B 134 -3.04 -18.30 -21.40
C ILE B 134 -4.52 -18.66 -21.53
N TYR B 135 -5.37 -17.64 -21.65
CA TYR B 135 -6.81 -17.80 -21.77
C TYR B 135 -7.24 -17.48 -23.20
N ASN B 136 -8.12 -18.31 -23.74
CA ASN B 136 -8.64 -18.14 -25.10
C ASN B 136 -9.94 -17.35 -25.04
N LEU B 137 -9.95 -16.17 -25.64
CA LEU B 137 -11.16 -15.34 -25.64
C LEU B 137 -12.15 -15.77 -26.71
N LYS B 138 -11.68 -16.38 -27.80
CA LYS B 138 -12.53 -16.77 -28.93
C LYS B 138 -13.12 -18.16 -28.75
N THR B 139 -13.25 -18.64 -27.52
CA THR B 139 -13.76 -19.97 -27.28
C THR B 139 -15.16 -20.14 -27.85
N ARG B 140 -15.43 -21.31 -28.42
CA ARG B 140 -16.76 -21.62 -28.93
C ARG B 140 -17.77 -21.70 -27.80
N GLU B 141 -17.37 -22.26 -26.66
CA GLU B 141 -18.28 -22.43 -25.53
C GLU B 141 -18.82 -21.11 -25.01
N GLY B 142 -18.15 -19.99 -25.32
CA GLY B 142 -18.59 -18.68 -24.88
C GLY B 142 -17.91 -18.19 -23.63
N ASN B 143 -17.69 -19.08 -22.66
CA ASN B 143 -17.03 -18.73 -21.41
C ASN B 143 -15.53 -18.94 -21.55
N VAL B 144 -14.76 -17.89 -21.24
CA VAL B 144 -13.31 -17.97 -21.37
C VAL B 144 -12.78 -19.06 -20.46
N ARG B 145 -11.89 -19.90 -20.99
CA ARG B 145 -11.29 -20.98 -20.23
C ARG B 145 -9.80 -21.02 -20.50
N VAL B 146 -9.06 -21.58 -19.54
CA VAL B 146 -7.60 -21.61 -19.62
C VAL B 146 -7.18 -22.43 -20.82
N SER B 147 -6.59 -21.76 -21.81
CA SER B 147 -6.06 -22.49 -22.97
C SER B 147 -4.81 -23.27 -22.59
N ARG B 148 -3.92 -22.65 -21.82
CA ARG B 148 -2.67 -23.31 -21.46
C ARG B 148 -2.17 -22.74 -20.13
N GLU B 149 -1.29 -23.50 -19.48
CA GLU B 149 -0.64 -23.09 -18.24
C GLU B 149 0.84 -23.39 -18.37
N LEU B 150 1.64 -22.35 -18.66
CA LEU B 150 3.08 -22.51 -18.84
C LEU B 150 3.76 -22.52 -17.48
N ALA B 151 4.42 -23.63 -17.17
CA ALA B 151 5.17 -23.80 -15.93
C ALA B 151 6.62 -24.07 -16.24
N GLY B 152 7.50 -23.75 -15.30
CA GLY B 152 8.92 -23.93 -15.49
C GLY B 152 9.75 -22.85 -14.83
N HIS B 153 9.13 -21.71 -14.52
CA HIS B 153 9.79 -20.67 -13.76
C HIS B 153 9.81 -21.03 -12.29
N THR B 154 10.93 -20.73 -11.63
CA THR B 154 11.11 -21.01 -10.22
C THR B 154 10.88 -19.80 -9.33
N GLY B 155 10.30 -18.72 -9.89
CA GLY B 155 9.99 -17.53 -9.13
C GLY B 155 8.77 -16.87 -9.70
N TYR B 156 8.26 -15.88 -8.95
CA TYR B 156 7.05 -15.20 -9.35
C TYR B 156 7.21 -14.57 -10.73
N LEU B 157 6.14 -14.62 -11.52
CA LEU B 157 6.15 -14.06 -12.85
C LEU B 157 5.94 -12.56 -12.78
N SER B 158 6.91 -11.78 -13.27
CA SER B 158 6.87 -10.33 -13.18
C SER B 158 6.19 -9.70 -14.38
N CYS B 159 6.44 -10.21 -15.59
CA CYS B 159 5.90 -9.63 -16.79
C CYS B 159 5.79 -10.71 -17.86
N CYS B 160 4.95 -10.44 -18.86
CA CYS B 160 4.79 -11.35 -19.98
C CYS B 160 4.28 -10.55 -21.18
N ARG B 161 4.72 -10.94 -22.37
CA ARG B 161 4.32 -10.25 -23.58
C ARG B 161 4.25 -11.25 -24.72
N PHE B 162 3.20 -11.12 -25.54
CA PHE B 162 3.03 -11.99 -26.69
C PHE B 162 3.88 -11.50 -27.87
N LEU B 163 4.51 -12.44 -28.56
CA LEU B 163 5.06 -12.15 -29.88
C LEU B 163 4.06 -12.51 -30.97
N ASP B 164 3.35 -13.61 -30.78
CA ASP B 164 2.33 -14.08 -31.72
C ASP B 164 1.28 -14.84 -30.91
N ASP B 165 0.39 -15.54 -31.62
CA ASP B 165 -0.60 -16.37 -30.93
C ASP B 165 0.01 -17.60 -30.28
N ASN B 166 1.25 -17.96 -30.63
CA ASN B 166 1.87 -19.17 -30.13
C ASN B 166 3.13 -18.94 -29.31
N GLN B 167 3.72 -17.74 -29.35
CA GLN B 167 4.95 -17.44 -28.65
C GLN B 167 4.72 -16.33 -27.64
N ILE B 168 5.33 -16.48 -26.46
CA ILE B 168 5.20 -15.50 -25.39
C ILE B 168 6.51 -15.44 -24.63
N VAL B 169 6.95 -14.23 -24.29
CA VAL B 169 8.13 -14.00 -23.49
C VAL B 169 7.69 -13.61 -22.09
N THR B 170 8.24 -14.27 -21.08
CA THR B 170 7.89 -14.03 -19.69
C THR B 170 9.15 -13.86 -18.86
N SER B 171 9.15 -12.81 -18.02
CA SER B 171 10.22 -12.58 -17.06
C SER B 171 9.75 -13.02 -15.68
N SER B 172 10.68 -13.52 -14.88
CA SER B 172 10.34 -14.18 -13.62
C SER B 172 11.02 -13.51 -12.45
N GLY B 173 10.51 -13.83 -11.25
CA GLY B 173 11.17 -13.40 -10.04
C GLY B 173 12.56 -13.96 -9.90
N ASP B 174 12.76 -15.19 -10.39
CA ASP B 174 14.10 -15.68 -10.59
C ASP B 174 14.81 -14.80 -11.61
N THR B 175 16.12 -15.02 -11.77
CA THR B 175 16.95 -14.10 -12.53
C THR B 175 16.94 -14.37 -14.03
N THR B 176 15.89 -15.00 -14.56
CA THR B 176 15.86 -15.40 -15.96
C THR B 176 14.55 -15.01 -16.61
N CYS B 177 14.61 -14.82 -17.93
CA CYS B 177 13.43 -14.71 -18.78
C CYS B 177 13.31 -15.98 -19.62
N ALA B 178 12.18 -16.13 -20.28
CA ALA B 178 11.96 -17.34 -21.07
C ALA B 178 10.99 -17.05 -22.20
N LEU B 179 11.31 -17.56 -23.38
CA LEU B 179 10.42 -17.56 -24.53
C LEU B 179 9.83 -18.95 -24.68
N TRP B 180 8.50 -19.02 -24.68
CA TRP B 180 7.76 -20.27 -24.64
C TRP B 180 7.10 -20.57 -25.98
N ASP B 181 6.75 -21.84 -26.17
CA ASP B 181 5.89 -22.28 -27.26
C ASP B 181 4.54 -22.64 -26.65
N ILE B 182 3.52 -21.82 -26.91
CA ILE B 182 2.24 -21.99 -26.23
C ILE B 182 1.60 -23.33 -26.60
N GLU B 183 1.73 -23.72 -27.87
CA GLU B 183 1.10 -24.97 -28.30
C GLU B 183 1.67 -26.16 -27.54
N THR B 184 2.98 -26.20 -27.35
CA THR B 184 3.61 -27.31 -26.65
C THR B 184 3.76 -27.04 -25.16
N GLY B 185 3.79 -25.77 -24.74
CA GLY B 185 3.93 -25.44 -23.34
C GLY B 185 5.33 -25.61 -22.80
N GLN B 186 6.35 -25.58 -23.65
CA GLN B 186 7.73 -25.77 -23.24
C GLN B 186 8.52 -24.49 -23.51
N GLN B 187 9.51 -24.24 -22.67
CA GLN B 187 10.37 -23.08 -22.84
C GLN B 187 11.21 -23.26 -24.10
N THR B 188 10.86 -22.53 -25.17
CA THR B 188 11.66 -22.61 -26.38
C THR B 188 13.08 -22.15 -26.13
N THR B 189 13.25 -21.08 -25.36
CA THR B 189 14.60 -20.65 -24.99
C THR B 189 14.55 -19.92 -23.65
N THR B 190 15.71 -19.83 -23.02
CA THR B 190 15.88 -19.19 -21.72
C THR B 190 16.94 -18.10 -21.82
N PHE B 191 16.70 -16.99 -21.12
CA PHE B 191 17.59 -15.85 -21.12
C PHE B 191 18.11 -15.65 -19.69
N THR B 192 19.39 -15.94 -19.48
CA THR B 192 20.02 -15.85 -18.18
C THR B 192 21.13 -14.81 -18.22
N GLY B 193 21.46 -14.29 -17.04
CA GLY B 193 22.49 -13.28 -16.93
C GLY B 193 22.21 -12.23 -15.87
N HIS B 194 20.93 -12.00 -15.58
CA HIS B 194 20.58 -11.08 -14.51
C HIS B 194 20.96 -11.68 -13.15
N THR B 195 21.12 -10.80 -12.16
CA THR B 195 21.45 -11.22 -10.81
C THR B 195 20.32 -11.05 -9.81
N GLY B 196 19.32 -10.23 -10.13
CA GLY B 196 18.16 -10.06 -9.29
C GLY B 196 16.88 -10.38 -10.06
N ASP B 197 15.75 -10.16 -9.37
CA ASP B 197 14.46 -10.39 -9.99
C ASP B 197 14.32 -9.53 -11.24
N VAL B 198 13.87 -10.14 -12.33
CA VAL B 198 13.57 -9.40 -13.55
C VAL B 198 12.18 -8.80 -13.37
N MET B 199 12.11 -7.47 -13.27
CA MET B 199 10.88 -6.80 -12.87
C MET B 199 10.03 -6.38 -14.05
N SER B 200 10.64 -5.99 -15.17
CA SER B 200 9.91 -5.49 -16.31
C SER B 200 10.43 -6.11 -17.59
N LEU B 201 9.71 -5.87 -18.67
CA LEU B 201 10.00 -6.50 -19.96
C LEU B 201 9.34 -5.67 -21.04
N SER B 202 10.03 -5.50 -22.17
CA SER B 202 9.52 -4.67 -23.25
C SER B 202 9.95 -5.26 -24.58
N LEU B 203 8.98 -5.70 -25.37
CA LEU B 203 9.28 -6.19 -26.72
C LEU B 203 9.61 -5.02 -27.64
N ALA B 204 10.56 -5.23 -28.54
CA ALA B 204 10.88 -4.22 -29.53
C ALA B 204 9.75 -4.13 -30.55
N PRO B 205 9.64 -3.01 -31.26
CA PRO B 205 8.58 -2.90 -32.27
C PRO B 205 8.62 -4.01 -33.30
N ASP B 206 9.80 -4.44 -33.72
CA ASP B 206 9.92 -5.55 -34.67
C ASP B 206 9.86 -6.91 -34.00
N THR B 207 9.83 -6.97 -32.67
CA THR B 207 9.79 -8.21 -31.90
C THR B 207 11.04 -9.05 -32.06
N ARG B 208 12.07 -8.54 -32.74
CA ARG B 208 13.32 -9.28 -32.88
C ARG B 208 14.17 -9.21 -31.61
N LEU B 209 14.03 -8.15 -30.81
CA LEU B 209 14.80 -7.97 -29.59
C LEU B 209 13.86 -7.52 -28.49
N PHE B 210 14.30 -7.73 -27.24
CA PHE B 210 13.54 -7.22 -26.10
C PHE B 210 14.49 -6.86 -24.97
N VAL B 211 14.10 -5.85 -24.19
CA VAL B 211 14.92 -5.35 -23.09
C VAL B 211 14.22 -5.69 -21.78
N SER B 212 15.00 -6.13 -20.80
CA SER B 212 14.47 -6.49 -19.49
C SER B 212 15.28 -5.79 -18.42
N GLY B 213 14.58 -5.16 -17.47
CA GLY B 213 15.19 -4.52 -16.32
C GLY B 213 14.96 -5.37 -15.08
N ALA B 214 16.01 -5.54 -14.29
CA ALA B 214 16.00 -6.43 -13.15
C ALA B 214 16.21 -5.65 -11.86
N CYS B 215 16.18 -6.37 -10.74
CA CYS B 215 16.39 -5.76 -9.43
C CYS B 215 17.87 -5.52 -9.19
N ASP B 216 18.50 -4.78 -10.10
CA ASP B 216 19.86 -4.30 -9.95
C ASP B 216 20.00 -3.06 -10.83
N ALA B 217 21.21 -2.51 -10.88
CA ALA B 217 21.44 -1.32 -11.69
C ALA B 217 21.32 -1.58 -13.18
N SER B 218 21.25 -2.83 -13.61
CA SER B 218 21.44 -3.20 -15.00
C SER B 218 20.12 -3.53 -15.69
N ALA B 219 20.06 -3.20 -16.98
CA ALA B 219 19.00 -3.64 -17.88
C ALA B 219 19.66 -4.25 -19.12
N LYS B 220 19.15 -5.41 -19.55
CA LYS B 220 19.82 -6.19 -20.57
C LYS B 220 18.96 -6.29 -21.83
N LEU B 221 19.63 -6.30 -22.98
CA LEU B 221 19.01 -6.46 -24.28
C LEU B 221 19.23 -7.88 -24.77
N TRP B 222 18.15 -8.53 -25.21
CA TRP B 222 18.18 -9.93 -25.60
C TRP B 222 17.66 -10.09 -27.02
N ASP B 223 18.29 -11.00 -27.75
CA ASP B 223 17.86 -11.41 -29.09
C ASP B 223 17.05 -12.68 -28.95
N VAL B 224 15.77 -12.63 -29.30
CA VAL B 224 14.88 -13.77 -29.07
C VAL B 224 15.32 -14.97 -29.88
N ARG B 225 15.88 -14.75 -31.07
CA ARG B 225 16.30 -15.88 -31.91
C ARG B 225 17.52 -16.56 -31.30
N GLU B 226 18.64 -15.83 -31.20
CA GLU B 226 19.87 -16.46 -30.72
C GLU B 226 19.76 -16.86 -29.26
N GLY B 227 19.33 -15.95 -28.39
CA GLY B 227 19.14 -16.27 -26.99
C GLY B 227 20.26 -15.85 -26.07
N MET B 228 21.00 -14.79 -26.40
CA MET B 228 22.04 -14.26 -25.52
C MET B 228 21.82 -12.77 -25.32
N CYS B 229 22.49 -12.23 -24.31
CA CYS B 229 22.42 -10.80 -24.00
C CYS B 229 23.34 -10.02 -24.92
N ARG B 230 22.77 -9.17 -25.76
CA ARG B 230 23.58 -8.36 -26.67
C ARG B 230 24.28 -7.22 -25.94
N GLN B 231 23.58 -6.55 -25.03
CA GLN B 231 24.15 -5.41 -24.32
C GLN B 231 23.59 -5.34 -22.91
N THR B 232 24.36 -4.73 -22.01
CA THR B 232 23.93 -4.45 -20.65
C THR B 232 24.15 -2.97 -20.38
N PHE B 233 23.12 -2.31 -19.85
CA PHE B 233 23.15 -0.88 -19.57
C PHE B 233 23.01 -0.66 -18.08
N THR B 234 23.91 0.14 -17.50
CA THR B 234 23.88 0.46 -16.09
C THR B 234 23.79 1.97 -15.92
N GLY B 235 23.64 2.39 -14.67
CA GLY B 235 23.49 3.80 -14.36
C GLY B 235 22.48 4.04 -13.27
N HIS B 236 21.45 3.20 -13.21
CA HIS B 236 20.48 3.27 -12.13
C HIS B 236 21.14 2.82 -10.82
N GLU B 237 20.71 3.44 -9.72
CA GLU B 237 21.27 3.15 -8.41
C GLU B 237 20.49 2.10 -7.64
N SER B 238 19.33 1.68 -8.14
CA SER B 238 18.49 0.74 -7.41
C SER B 238 17.73 -0.11 -8.44
N ASP B 239 16.69 -0.79 -7.97
CA ASP B 239 15.95 -1.71 -8.83
C ASP B 239 15.30 -0.95 -9.98
N ILE B 240 15.23 -1.61 -11.14
CA ILE B 240 14.53 -1.09 -12.30
C ILE B 240 13.15 -1.73 -12.29
N ASN B 241 12.15 -0.95 -11.85
CA ASN B 241 10.80 -1.49 -11.71
C ASN B 241 10.08 -1.56 -13.04
N ALA B 242 10.44 -0.70 -14.00
CA ALA B 242 9.72 -0.62 -15.26
C ALA B 242 10.69 -0.34 -16.40
N ILE B 243 10.27 -0.71 -17.60
CA ILE B 243 11.07 -0.49 -18.79
C ILE B 243 10.12 -0.41 -19.98
N CYS B 244 10.48 0.42 -20.96
CA CYS B 244 9.66 0.59 -22.15
C CYS B 244 10.56 0.97 -23.31
N PHE B 245 10.21 0.46 -24.50
CA PHE B 245 11.00 0.73 -25.69
C PHE B 245 10.58 2.01 -26.37
N PHE B 246 11.56 2.81 -26.79
CA PHE B 246 11.25 4.00 -27.57
C PHE B 246 10.57 3.60 -28.86
N PRO B 247 9.64 4.42 -29.37
CA PRO B 247 8.84 3.99 -30.53
C PRO B 247 9.67 3.51 -31.72
N ASN B 248 10.82 4.13 -32.00
CA ASN B 248 11.63 3.70 -33.12
C ASN B 248 12.47 2.46 -32.81
N GLY B 249 12.52 2.03 -31.55
CA GLY B 249 13.21 0.81 -31.17
C GLY B 249 14.70 0.95 -30.97
N ASN B 250 15.25 2.16 -31.11
CA ASN B 250 16.68 2.38 -30.94
C ASN B 250 17.03 2.93 -29.56
N ALA B 251 16.07 2.99 -28.65
CA ALA B 251 16.31 3.48 -27.31
C ALA B 251 15.21 2.97 -26.40
N PHE B 252 15.44 3.06 -25.09
CA PHE B 252 14.43 2.64 -24.12
C PHE B 252 14.58 3.43 -22.84
N ALA B 253 13.48 3.54 -22.10
CA ALA B 253 13.43 4.26 -20.84
C ALA B 253 13.20 3.30 -19.69
N THR B 254 13.87 3.54 -18.58
CA THR B 254 13.78 2.70 -17.39
C THR B 254 13.44 3.56 -16.19
N GLY B 255 12.47 3.11 -15.41
CA GLY B 255 12.12 3.75 -14.14
C GLY B 255 12.58 2.86 -13.00
N SER B 256 13.10 3.48 -11.94
CA SER B 256 13.77 2.74 -10.88
C SER B 256 13.28 3.19 -9.52
N ASP B 257 13.66 2.42 -8.49
CA ASP B 257 13.34 2.77 -7.12
C ASP B 257 14.10 4.00 -6.64
N ASP B 258 15.19 4.37 -7.30
CA ASP B 258 15.96 5.55 -6.92
C ASP B 258 15.26 6.85 -7.31
N ALA B 259 14.01 6.78 -7.77
CA ALA B 259 13.17 7.95 -8.03
C ALA B 259 13.57 8.69 -9.30
N THR B 260 14.21 8.02 -10.26
CA THR B 260 14.62 8.66 -11.50
C THR B 260 14.29 7.76 -12.68
N CYS B 261 13.97 8.40 -13.80
CA CYS B 261 13.88 7.72 -15.08
C CYS B 261 15.18 7.93 -15.85
N ARG B 262 15.49 7.00 -16.75
CA ARG B 262 16.70 7.08 -17.53
C ARG B 262 16.46 6.56 -18.93
N LEU B 263 16.83 7.37 -19.92
CA LEU B 263 16.74 7.00 -21.33
C LEU B 263 18.11 6.56 -21.81
N PHE B 264 18.18 5.31 -22.27
CA PHE B 264 19.38 4.69 -22.81
C PHE B 264 19.20 4.48 -24.30
N ASP B 265 20.31 4.48 -25.04
CA ASP B 265 20.31 4.20 -26.47
C ASP B 265 21.03 2.90 -26.75
N LEU B 266 20.45 2.08 -27.63
CA LEU B 266 21.04 0.79 -27.95
C LEU B 266 22.37 0.94 -28.67
N ARG B 267 22.44 1.84 -29.65
CA ARG B 267 23.67 2.01 -30.44
C ARG B 267 24.77 2.69 -29.64
N ALA B 268 24.46 3.80 -28.96
CA ALA B 268 25.44 4.45 -28.12
C ALA B 268 25.84 3.57 -26.94
N ASP B 269 25.00 2.61 -26.57
CA ASP B 269 25.33 1.64 -25.52
C ASP B 269 25.57 2.30 -24.18
N GLN B 270 24.91 3.43 -23.92
CA GLN B 270 25.12 4.14 -22.67
C GLN B 270 23.90 5.01 -22.38
N GLU B 271 23.83 5.48 -21.13
CA GLU B 271 22.80 6.42 -20.73
C GLU B 271 22.83 7.64 -21.65
N LEU B 272 21.65 8.06 -22.09
CA LEU B 272 21.50 9.29 -22.86
C LEU B 272 20.91 10.43 -22.05
N MET B 273 19.95 10.15 -21.17
CA MET B 273 19.34 11.23 -20.41
C MET B 273 18.80 10.68 -19.10
N THR B 274 18.72 11.55 -18.09
CA THR B 274 18.16 11.22 -16.80
C THR B 274 17.08 12.23 -16.44
N TYR B 275 15.90 11.74 -16.09
CA TYR B 275 14.76 12.55 -15.70
C TYR B 275 14.54 12.39 -14.21
N SER B 276 14.75 13.46 -13.45
CA SER B 276 14.56 13.44 -12.02
C SER B 276 14.34 14.87 -11.52
N HIS B 277 13.78 14.98 -10.32
CA HIS B 277 13.58 16.26 -9.68
C HIS B 277 13.88 16.13 -8.20
N ASP B 278 14.24 17.26 -7.58
CA ASP B 278 14.71 17.23 -6.20
C ASP B 278 13.64 16.74 -5.24
N ASN B 279 12.40 17.20 -5.42
CA ASN B 279 11.33 16.85 -4.48
C ASN B 279 10.69 15.51 -4.79
N ILE B 280 11.12 14.83 -5.85
CA ILE B 280 10.65 13.48 -6.16
C ILE B 280 11.56 12.52 -5.42
N ILE B 281 11.06 11.95 -4.33
CA ILE B 281 11.85 11.08 -3.47
C ILE B 281 11.15 9.73 -3.34
N CYS B 282 10.40 9.35 -4.36
CA CYS B 282 9.67 8.09 -4.35
C CYS B 282 9.97 7.33 -5.64
N GLY B 283 9.83 6.01 -5.57
CA GLY B 283 10.18 5.17 -6.69
C GLY B 283 9.22 5.31 -7.85
N ILE B 284 9.63 4.73 -8.98
CA ILE B 284 8.87 4.75 -10.21
C ILE B 284 8.37 3.33 -10.49
N THR B 285 7.08 3.19 -10.73
CA THR B 285 6.45 1.90 -10.90
C THR B 285 6.23 1.51 -12.35
N SER B 286 6.01 2.48 -13.24
CA SER B 286 5.68 2.19 -14.61
C SER B 286 6.05 3.37 -15.49
N VAL B 287 6.53 3.08 -16.69
CA VAL B 287 6.85 4.12 -17.67
C VAL B 287 6.31 3.69 -19.03
N SER B 288 6.09 4.68 -19.89
CA SER B 288 5.67 4.42 -21.26
C SER B 288 5.89 5.69 -22.07
N PHE B 289 5.96 5.52 -23.38
CA PHE B 289 6.17 6.61 -24.30
C PHE B 289 4.89 6.92 -25.06
N SER B 290 4.73 8.19 -25.41
CA SER B 290 3.64 8.56 -26.31
C SER B 290 3.96 8.08 -27.73
N LYS B 291 2.97 8.20 -28.61
CA LYS B 291 3.13 7.65 -29.95
C LYS B 291 4.35 8.25 -30.65
N SER B 292 4.54 9.55 -30.53
CA SER B 292 5.70 10.21 -31.13
C SER B 292 6.99 9.94 -30.37
N GLY B 293 6.89 9.56 -29.09
CA GLY B 293 8.05 9.42 -28.25
C GLY B 293 8.53 10.69 -27.60
N ARG B 294 7.89 11.83 -27.88
CA ARG B 294 8.32 13.10 -27.30
C ARG B 294 7.96 13.22 -25.83
N LEU B 295 6.97 12.46 -25.35
CA LEU B 295 6.55 12.48 -23.96
C LEU B 295 6.86 11.14 -23.32
N LEU B 296 7.38 11.17 -22.10
CA LEU B 296 7.64 9.98 -21.31
C LEU B 296 6.76 10.06 -20.06
N LEU B 297 5.78 9.18 -19.96
CA LEU B 297 4.86 9.16 -18.83
C LEU B 297 5.34 8.14 -17.82
N ALA B 298 5.48 8.55 -16.56
CA ALA B 298 6.00 7.68 -15.51
C ALA B 298 5.10 7.74 -14.29
N GLY B 299 4.65 6.59 -13.83
CA GLY B 299 3.87 6.48 -12.61
C GLY B 299 4.77 6.32 -11.40
N TYR B 300 4.37 6.91 -10.29
CA TYR B 300 5.21 7.00 -9.10
C TYR B 300 4.49 6.42 -7.89
N ASP B 301 5.26 6.18 -6.83
CA ASP B 301 4.70 5.65 -5.60
C ASP B 301 3.89 6.69 -4.83
N ASP B 302 4.06 7.97 -5.15
CA ASP B 302 3.21 9.02 -4.58
C ASP B 302 1.87 9.13 -5.31
N PHE B 303 1.51 8.11 -6.06
CA PHE B 303 0.26 8.02 -6.82
C PHE B 303 -0.07 9.33 -7.52
N ASN B 304 0.85 9.74 -8.39
CA ASN B 304 0.56 10.69 -9.44
C ASN B 304 1.62 10.51 -10.52
N CYS B 305 1.17 10.46 -11.77
CA CYS B 305 2.06 10.24 -12.90
C CYS B 305 2.65 11.57 -13.35
N ASN B 306 3.89 11.54 -13.82
CA ASN B 306 4.56 12.71 -14.34
C ASN B 306 4.82 12.52 -15.83
N VAL B 307 4.46 13.52 -16.62
CA VAL B 307 4.73 13.53 -18.04
C VAL B 307 5.96 14.40 -18.26
N TRP B 308 7.05 13.76 -18.68
CA TRP B 308 8.34 14.40 -18.89
C TRP B 308 8.54 14.66 -20.38
N ASP B 309 9.19 15.76 -20.71
CA ASP B 309 9.65 15.98 -22.07
C ASP B 309 10.85 15.07 -22.32
N ALA B 310 10.64 14.01 -23.11
CA ALA B 310 11.68 13.01 -23.27
C ALA B 310 12.97 13.59 -23.80
N LEU B 311 12.89 14.70 -24.53
CA LEU B 311 14.08 15.29 -25.13
C LEU B 311 14.71 16.37 -24.23
N LYS B 312 13.89 17.24 -23.63
CA LYS B 312 14.39 18.29 -22.77
C LYS B 312 14.42 17.90 -21.30
N ALA B 313 13.76 16.80 -20.93
CA ALA B 313 13.83 16.26 -19.57
C ALA B 313 13.38 17.28 -18.52
N ASP B 314 12.33 18.04 -18.83
CA ASP B 314 11.68 18.91 -17.86
C ASP B 314 10.23 18.48 -17.71
N ARG B 315 9.81 18.26 -16.48
CA ARG B 315 8.45 17.82 -16.21
C ARG B 315 7.44 18.69 -16.95
N ALA B 316 6.74 18.08 -17.89
CA ALA B 316 5.79 18.80 -18.72
C ALA B 316 4.35 18.76 -18.20
N GLY B 317 4.01 17.77 -17.37
CA GLY B 317 2.66 17.71 -16.86
C GLY B 317 2.54 16.70 -15.74
N VAL B 318 1.35 16.67 -15.14
CA VAL B 318 1.08 15.77 -14.03
C VAL B 318 -0.32 15.20 -14.19
N LEU B 319 -0.49 13.94 -13.80
CA LEU B 319 -1.77 13.23 -13.79
C LEU B 319 -1.97 12.78 -12.35
N ALA B 320 -2.77 13.53 -11.59
CA ALA B 320 -2.90 13.35 -10.15
C ALA B 320 -4.31 12.95 -9.75
N GLY B 321 -4.91 12.00 -10.47
CA GLY B 321 -6.27 11.59 -10.19
C GLY B 321 -6.39 10.43 -9.24
N HIS B 322 -5.31 9.69 -9.01
CA HIS B 322 -5.36 8.47 -8.23
C HIS B 322 -5.10 8.75 -6.75
N ASP B 323 -5.69 7.92 -5.90
CA ASP B 323 -5.58 8.06 -4.46
C ASP B 323 -4.59 7.09 -3.81
N ASN B 324 -4.21 6.03 -4.52
CA ASN B 324 -3.24 5.07 -4.02
C ASN B 324 -2.26 4.74 -5.12
N ARG B 325 -1.16 4.09 -4.73
CA ARG B 325 -0.01 3.87 -5.61
C ARG B 325 -0.44 3.56 -7.05
N VAL B 326 0.17 4.28 -7.99
CA VAL B 326 -0.03 4.00 -9.41
C VAL B 326 0.88 2.83 -9.78
N SER B 327 0.29 1.71 -10.16
CA SER B 327 1.03 0.48 -10.38
C SER B 327 1.27 0.16 -11.84
N CYS B 328 0.42 0.65 -12.75
CA CYS B 328 0.55 0.34 -14.17
C CYS B 328 0.13 1.54 -14.99
N LEU B 329 0.73 1.66 -16.17
CA LEU B 329 0.50 2.81 -17.03
C LEU B 329 0.81 2.42 -18.46
N GLY B 330 -0.15 2.63 -19.36
CA GLY B 330 0.03 2.23 -20.74
C GLY B 330 -0.58 3.20 -21.73
N VAL B 331 0.14 3.51 -22.79
CA VAL B 331 -0.34 4.39 -23.85
C VAL B 331 -0.89 3.54 -24.98
N THR B 332 -1.96 4.03 -25.60
CA THR B 332 -2.62 3.28 -26.65
C THR B 332 -1.72 3.17 -27.89
N ASP B 333 -1.97 2.15 -28.70
CA ASP B 333 -1.18 1.96 -29.91
C ASP B 333 -1.34 3.13 -30.86
N ASP B 334 -2.55 3.69 -30.95
CA ASP B 334 -2.77 4.88 -31.75
C ASP B 334 -2.43 6.16 -31.00
N GLY B 335 -2.10 6.07 -29.71
CA GLY B 335 -1.69 7.23 -28.95
C GLY B 335 -2.81 8.17 -28.57
N MET B 336 -4.05 7.70 -28.55
CA MET B 336 -5.18 8.56 -28.29
C MET B 336 -5.53 8.70 -26.81
N ALA B 337 -4.89 7.92 -25.93
CA ALA B 337 -5.22 8.00 -24.51
C ALA B 337 -4.14 7.28 -23.72
N VAL B 338 -4.15 7.50 -22.41
CA VAL B 338 -3.21 6.86 -21.49
C VAL B 338 -4.03 6.25 -20.36
N ALA B 339 -3.94 4.93 -20.19
CA ALA B 339 -4.67 4.23 -19.14
C ALA B 339 -3.72 3.99 -17.97
N THR B 340 -4.11 4.46 -16.79
CA THR B 340 -3.32 4.31 -15.58
C THR B 340 -4.14 3.54 -14.56
N GLY B 341 -3.59 2.45 -14.06
CA GLY B 341 -4.19 1.74 -12.95
C GLY B 341 -3.49 2.07 -11.65
N SER B 342 -4.13 1.72 -10.54
CA SER B 342 -3.62 2.09 -9.24
C SER B 342 -4.06 1.07 -8.21
N TRP B 343 -3.47 1.15 -7.02
CA TRP B 343 -3.80 0.28 -5.92
C TRP B 343 -5.13 0.62 -5.28
N ASP B 344 -5.79 1.69 -5.72
CA ASP B 344 -7.15 2.00 -5.29
C ASP B 344 -8.20 1.25 -6.08
N SER B 345 -7.80 0.39 -7.01
CA SER B 345 -8.71 -0.48 -7.74
C SER B 345 -9.50 0.26 -8.82
N PHE B 346 -8.95 1.36 -9.32
CA PHE B 346 -9.56 2.10 -10.41
C PHE B 346 -8.57 2.26 -11.55
N LEU B 347 -9.05 2.05 -12.78
CA LEU B 347 -8.30 2.39 -13.99
C LEU B 347 -8.88 3.67 -14.56
N LYS B 348 -8.02 4.63 -14.85
CA LYS B 348 -8.43 5.93 -15.37
C LYS B 348 -7.82 6.15 -16.74
N ILE B 349 -8.64 6.54 -17.70
CA ILE B 349 -8.19 6.90 -19.04
C ILE B 349 -8.01 8.41 -19.08
N TRP B 350 -6.85 8.85 -19.53
CA TRP B 350 -6.50 10.25 -19.60
C TRP B 350 -6.31 10.67 -21.06
N ASN B 351 -6.78 11.87 -21.37
CA ASN B 351 -6.66 12.39 -22.73
C ASN B 351 -6.91 13.89 -22.76
N THR C 6 35.54 -23.60 -8.82
CA THR C 6 34.60 -24.59 -9.43
C THR C 6 33.39 -23.87 -10.03
N ALA C 7 32.36 -23.67 -9.22
CA ALA C 7 31.19 -22.92 -9.69
C ALA C 7 31.46 -21.43 -9.75
N SER C 8 32.26 -20.90 -8.83
CA SER C 8 32.61 -19.48 -8.87
C SER C 8 33.35 -19.16 -10.16
N ILE C 9 34.33 -19.99 -10.54
CA ILE C 9 35.02 -19.78 -11.80
C ILE C 9 34.08 -20.03 -12.97
N ALA C 10 33.12 -20.94 -12.81
CA ALA C 10 32.15 -21.16 -13.89
C ALA C 10 31.36 -19.89 -14.17
N GLN C 11 30.93 -19.18 -13.12
CA GLN C 11 30.23 -17.91 -13.32
C GLN C 11 31.17 -16.83 -13.84
N ALA C 12 32.40 -16.79 -13.32
CA ALA C 12 33.34 -15.74 -13.73
C ALA C 12 33.71 -15.86 -15.20
N ARG C 13 33.88 -17.09 -15.69
CA ARG C 13 34.24 -17.28 -17.10
C ARG C 13 33.12 -16.79 -18.02
N LYS C 14 31.87 -17.10 -17.67
CA LYS C 14 30.76 -16.61 -18.49
C LYS C 14 30.61 -15.11 -18.38
N LEU C 15 30.89 -14.53 -17.20
CA LEU C 15 30.90 -13.08 -17.08
C LEU C 15 31.94 -12.46 -18.01
N VAL C 16 33.14 -13.05 -18.02
CA VAL C 16 34.19 -12.54 -18.90
C VAL C 16 33.77 -12.67 -20.35
N GLU C 17 33.17 -13.80 -20.72
CA GLU C 17 32.72 -14.01 -22.09
C GLU C 17 31.70 -12.96 -22.49
N GLN C 18 30.73 -12.68 -21.61
CA GLN C 18 29.73 -11.66 -21.90
C GLN C 18 30.39 -10.29 -22.04
N LEU C 19 31.38 -9.99 -21.20
CA LEU C 19 32.06 -8.71 -21.31
C LEU C 19 32.80 -8.58 -22.63
N LYS C 20 33.46 -9.65 -23.08
CA LYS C 20 34.11 -9.59 -24.39
C LYS C 20 33.09 -9.39 -25.49
N MET C 21 31.96 -10.10 -25.41
CA MET C 21 30.92 -9.95 -26.43
C MET C 21 30.41 -8.51 -26.48
N GLU C 22 30.20 -7.91 -25.32
CA GLU C 22 29.69 -6.54 -25.29
C GLU C 22 30.75 -5.53 -25.69
N ALA C 23 32.03 -5.87 -25.51
CA ALA C 23 33.10 -4.93 -25.82
C ALA C 23 33.36 -4.82 -27.32
N ASN C 24 33.08 -5.89 -28.08
CA ASN C 24 33.36 -5.92 -29.51
C ASN C 24 32.26 -5.30 -30.35
N ILE C 25 31.16 -4.87 -29.74
CA ILE C 25 30.03 -4.35 -30.51
C ILE C 25 30.41 -3.00 -31.14
N ASP C 26 29.88 -2.76 -32.33
CA ASP C 26 30.07 -1.46 -32.97
C ASP C 26 29.28 -0.40 -32.19
N ARG C 27 29.96 0.70 -31.86
CA ARG C 27 29.39 1.74 -31.03
C ARG C 27 29.44 3.07 -31.77
N ILE C 28 28.36 3.84 -31.65
CA ILE C 28 28.21 5.10 -32.37
C ILE C 28 28.25 6.25 -31.36
N LYS C 29 28.67 7.41 -31.83
CA LYS C 29 28.77 8.58 -30.97
C LYS C 29 27.40 9.01 -30.47
N VAL C 30 27.37 9.55 -29.25
CA VAL C 30 26.10 9.93 -28.63
C VAL C 30 25.40 11.00 -29.44
N SER C 31 26.17 11.85 -30.14
CA SER C 31 25.55 12.91 -30.93
C SER C 31 24.64 12.33 -32.00
N LYS C 32 25.10 11.28 -32.69
CA LYS C 32 24.29 10.68 -33.74
C LYS C 32 22.99 10.09 -33.18
N ALA C 33 23.07 9.40 -32.04
CA ALA C 33 21.87 8.83 -31.43
C ALA C 33 20.90 9.91 -31.00
N ALA C 34 21.41 10.97 -30.37
CA ALA C 34 20.55 12.06 -29.95
C ALA C 34 19.89 12.74 -31.15
N ALA C 35 20.65 12.95 -32.22
CA ALA C 35 20.07 13.55 -33.42
C ALA C 35 19.00 12.65 -34.01
N ASP C 36 19.23 11.33 -34.01
CA ASP C 36 18.23 10.41 -34.55
C ASP C 36 16.95 10.47 -33.72
N LEU C 37 17.07 10.46 -32.39
CA LEU C 37 15.87 10.54 -31.56
C LEU C 37 15.14 11.86 -31.77
N MET C 38 15.87 12.96 -31.84
CA MET C 38 15.24 14.26 -32.06
C MET C 38 14.53 14.31 -33.40
N ALA C 39 15.17 13.77 -34.45
CA ALA C 39 14.57 13.76 -35.78
C ALA C 39 13.32 12.90 -35.80
N TYR C 40 13.35 11.74 -35.12
CA TYR C 40 12.18 10.89 -35.07
C TYR C 40 11.02 11.61 -34.37
N CYS C 41 11.31 12.25 -33.23
CA CYS C 41 10.24 12.97 -32.53
C CYS C 41 9.70 14.10 -33.38
N GLU C 42 10.57 14.80 -34.11
CA GLU C 42 10.13 15.88 -34.98
C GLU C 42 9.25 15.35 -36.11
N ALA C 43 9.60 14.19 -36.67
CA ALA C 43 8.86 13.67 -37.81
C ALA C 43 7.43 13.31 -37.43
N HIS C 44 7.24 12.72 -36.26
CA HIS C 44 5.94 12.22 -35.83
C HIS C 44 5.24 13.17 -34.88
N ALA C 45 5.63 14.45 -34.86
CA ALA C 45 5.01 15.38 -33.92
C ALA C 45 3.52 15.52 -34.17
N LYS C 46 3.11 15.61 -35.44
CA LYS C 46 1.70 15.81 -35.75
C LYS C 46 0.88 14.56 -35.46
N GLU C 47 1.48 13.38 -35.55
CA GLU C 47 0.74 12.12 -35.44
C GLU C 47 0.49 11.70 -33.99
N ASP C 48 0.97 12.45 -33.01
CA ASP C 48 0.83 12.06 -31.62
C ASP C 48 -0.24 12.93 -30.96
N PRO C 49 -1.43 12.39 -30.69
CA PRO C 49 -2.49 13.23 -30.12
C PRO C 49 -2.14 13.84 -28.76
N LEU C 50 -1.36 13.15 -27.94
CA LEU C 50 -1.19 13.58 -26.55
C LEU C 50 -0.56 14.96 -26.44
N LEU C 51 0.46 15.25 -27.24
CA LEU C 51 1.10 16.56 -27.23
C LEU C 51 0.58 17.47 -28.34
N THR C 52 -0.29 16.97 -29.21
CA THR C 52 -0.95 17.78 -30.22
C THR C 52 -2.44 17.49 -30.13
N PRO C 53 -3.14 18.10 -29.18
CA PRO C 53 -4.54 17.76 -28.95
C PRO C 53 -5.39 17.90 -30.21
N VAL C 54 -6.35 16.99 -30.34
CA VAL C 54 -7.17 16.87 -31.54
C VAL C 54 -8.57 17.38 -31.20
N PRO C 55 -9.32 17.91 -32.15
CA PRO C 55 -10.68 18.39 -31.82
C PRO C 55 -11.54 17.26 -31.26
N ALA C 56 -12.44 17.63 -30.33
CA ALA C 56 -13.29 16.65 -29.67
C ALA C 56 -14.23 15.96 -30.64
N SER C 57 -14.43 16.53 -31.83
CA SER C 57 -15.37 15.92 -32.79
C SER C 57 -14.96 14.50 -33.16
N GLU C 58 -13.66 14.20 -33.10
CA GLU C 58 -13.16 12.87 -33.44
C GLU C 58 -12.22 12.33 -32.36
N ASN C 59 -12.31 12.86 -31.15
CA ASN C 59 -11.69 12.22 -30.00
C ASN C 59 -12.59 11.07 -29.56
N PRO C 60 -12.11 9.82 -29.55
CA PRO C 60 -13.02 8.71 -29.20
C PRO C 60 -13.58 8.80 -27.79
N PHE C 61 -12.95 9.57 -26.90
CA PHE C 61 -13.40 9.71 -25.53
C PHE C 61 -14.16 11.02 -25.29
N ARG C 62 -14.55 11.71 -26.35
CA ARG C 62 -15.38 12.91 -26.24
C ARG C 62 -16.14 13.13 -27.54
N GLN D 1 28.11 1.90 -12.62
CA GLN D 1 27.42 0.83 -11.84
C GLN D 1 27.61 1.05 -10.34
N VAL D 2 26.74 0.43 -9.55
CA VAL D 2 26.86 0.49 -8.10
C VAL D 2 27.97 -0.45 -7.68
N GLN D 3 28.98 0.08 -6.98
CA GLN D 3 30.14 -0.71 -6.58
C GLN D 3 30.51 -0.40 -5.15
N LEU D 4 30.93 -1.43 -4.43
CA LEU D 4 31.38 -1.31 -3.04
C LEU D 4 32.66 -2.12 -2.90
N GLN D 5 33.75 -1.46 -2.52
CA GLN D 5 35.06 -2.10 -2.41
C GLN D 5 35.52 -2.02 -0.96
N GLU D 6 35.61 -3.17 -0.29
CA GLU D 6 36.05 -3.23 1.10
C GLU D 6 37.57 -3.15 1.13
N SER D 7 38.10 -1.98 1.50
CA SER D 7 39.54 -1.75 1.53
C SER D 7 40.05 -1.85 2.97
N GLY D 8 40.30 -3.09 3.38
CA GLY D 8 40.83 -3.35 4.70
C GLY D 8 40.66 -4.80 5.08
N GLY D 9 41.09 -5.10 6.30
CA GLY D 9 40.95 -6.46 6.82
C GLY D 9 42.15 -7.32 6.53
N GLY D 10 42.38 -8.28 7.41
CA GLY D 10 43.51 -9.19 7.24
C GLY D 10 43.73 -10.01 8.50
N LEU D 11 44.88 -10.65 8.55
CA LEU D 11 45.23 -11.50 9.69
C LEU D 11 45.43 -10.66 10.93
N VAL D 12 45.19 -11.28 12.09
CA VAL D 12 45.32 -10.60 13.37
C VAL D 12 45.45 -11.66 14.46
N GLN D 13 46.06 -11.27 15.58
CA GLN D 13 46.11 -12.14 16.74
C GLN D 13 44.82 -12.02 17.55
N PRO D 14 44.46 -13.04 18.32
CA PRO D 14 43.27 -12.92 19.18
C PRO D 14 43.41 -11.73 20.13
N GLY D 15 42.31 -11.02 20.32
CA GLY D 15 42.31 -9.83 21.15
C GLY D 15 42.81 -8.57 20.47
N GLY D 16 43.12 -8.63 19.18
CA GLY D 16 43.61 -7.48 18.46
C GLY D 16 42.49 -6.56 18.01
N SER D 17 42.86 -5.60 17.17
CA SER D 17 41.91 -4.62 16.67
C SER D 17 42.27 -4.22 15.24
N LEU D 18 41.28 -4.26 14.35
CA LEU D 18 41.44 -3.88 12.95
C LEU D 18 40.48 -2.75 12.62
N ARG D 19 40.58 -2.26 11.39
CA ARG D 19 39.67 -1.25 10.87
C ARG D 19 39.32 -1.60 9.43
N LEU D 20 38.08 -2.02 9.22
CA LEU D 20 37.57 -2.32 7.87
C LEU D 20 37.03 -1.03 7.27
N SER D 21 37.34 -0.80 5.99
CA SER D 21 36.86 0.37 5.28
C SER D 21 36.31 -0.05 3.93
N CYS D 22 35.15 0.50 3.58
CA CYS D 22 34.53 0.26 2.28
C CYS D 22 34.32 1.59 1.57
N ALA D 23 34.81 1.67 0.34
CA ALA D 23 34.57 2.79 -0.54
C ALA D 23 33.38 2.47 -1.44
N ALA D 24 32.41 3.36 -1.48
CA ALA D 24 31.18 3.16 -2.25
C ALA D 24 31.16 4.14 -3.41
N SER D 25 30.81 3.64 -4.60
CA SER D 25 30.78 4.47 -5.80
C SER D 25 29.58 4.07 -6.65
N GLY D 26 29.16 5.01 -7.49
CA GLY D 26 28.07 4.78 -8.42
C GLY D 26 26.69 5.18 -7.91
N PHE D 27 26.59 5.66 -6.68
CA PHE D 27 25.30 6.07 -6.14
C PHE D 27 25.51 7.15 -5.08
N THR D 28 24.42 7.86 -4.78
CA THR D 28 24.44 8.92 -3.77
C THR D 28 24.57 8.28 -2.39
N PHE D 29 25.79 8.31 -1.84
CA PHE D 29 26.07 7.57 -0.62
C PHE D 29 25.22 8.07 0.55
N SER D 30 24.82 9.34 0.54
CA SER D 30 24.15 9.91 1.69
C SER D 30 22.71 9.43 1.83
N ASN D 31 22.06 9.08 0.73
CA ASN D 31 20.65 8.72 0.77
C ASN D 31 20.39 7.33 1.31
N TYR D 32 21.39 6.46 1.35
CA TYR D 32 21.19 5.05 1.63
C TYR D 32 21.70 4.67 3.01
N LYS D 33 20.91 3.87 3.71
CA LYS D 33 21.37 3.21 4.92
C LYS D 33 22.40 2.14 4.56
N MET D 34 23.37 1.94 5.44
CA MET D 34 24.47 1.01 5.19
C MET D 34 24.52 -0.04 6.29
N ASN D 35 25.08 -1.20 5.93
CA ASN D 35 25.19 -2.30 6.87
C ASN D 35 26.42 -3.14 6.66
N TRP D 36 26.99 -3.66 7.73
CA TRP D 36 28.09 -4.61 7.65
C TRP D 36 27.54 -6.00 7.93
N VAL D 37 27.81 -6.94 7.02
CA VAL D 37 27.42 -8.34 7.19
C VAL D 37 28.68 -9.16 7.09
N ARG D 38 28.62 -10.41 7.55
CA ARG D 38 29.77 -11.29 7.50
C ARG D 38 29.32 -12.73 7.30
N GLN D 39 30.20 -13.50 6.66
CA GLN D 39 29.98 -14.93 6.42
C GLN D 39 31.16 -15.67 7.01
N ALA D 40 30.90 -16.49 8.04
CA ALA D 40 31.95 -17.28 8.66
C ALA D 40 32.11 -18.61 7.94
N PRO D 41 33.26 -19.26 8.08
CA PRO D 41 33.46 -20.56 7.41
C PRO D 41 32.40 -21.56 7.82
N GLY D 42 31.69 -22.08 6.83
CA GLY D 42 30.64 -23.06 7.06
C GLY D 42 29.33 -22.49 7.54
N LYS D 43 29.20 -21.17 7.62
CA LYS D 43 27.99 -20.51 8.08
C LYS D 43 27.35 -19.74 6.94
N GLY D 44 26.11 -19.29 7.17
CA GLY D 44 25.44 -18.41 6.25
C GLY D 44 25.82 -16.96 6.50
N LEU D 45 25.29 -16.09 5.65
CA LEU D 45 25.55 -14.67 5.80
C LEU D 45 24.89 -14.16 7.07
N GLU D 46 25.66 -13.46 7.89
CA GLU D 46 25.22 -12.98 9.19
C GLU D 46 25.28 -11.46 9.23
N TRP D 47 24.21 -10.85 9.70
CA TRP D 47 24.15 -9.39 9.82
C TRP D 47 24.91 -8.95 11.07
N VAL D 48 25.83 -8.00 10.90
CA VAL D 48 26.71 -7.56 11.97
C VAL D 48 26.28 -6.19 12.51
N SER D 49 26.28 -5.18 11.65
CA SER D 49 26.05 -3.81 12.11
C SER D 49 25.24 -3.03 11.08
N ASP D 50 24.65 -1.94 11.52
CA ASP D 50 23.83 -1.10 10.67
C ASP D 50 23.97 0.35 11.10
N ILE D 51 24.05 1.24 10.12
CA ILE D 51 24.14 2.68 10.36
C ILE D 51 23.24 3.39 9.34
N SER D 52 22.50 4.39 9.82
CA SER D 52 21.51 5.06 9.00
C SER D 52 22.18 6.06 8.05
N GLN D 53 21.34 6.84 7.36
CA GLN D 53 21.87 7.80 6.39
C GLN D 53 22.74 8.84 7.06
N SER D 54 22.26 9.43 8.15
CA SER D 54 22.96 10.49 8.84
C SER D 54 23.91 9.97 9.92
N GLY D 55 23.89 8.68 10.21
CA GLY D 55 24.67 8.13 11.29
C GLY D 55 24.09 8.36 12.67
N ALA D 56 22.91 8.98 12.76
CA ALA D 56 22.32 9.24 14.07
C ALA D 56 21.97 7.96 14.79
N SER D 57 21.40 6.99 14.08
CA SER D 57 20.97 5.72 14.66
C SER D 57 21.91 4.62 14.20
N ILE D 58 22.37 3.81 15.16
CA ILE D 58 23.29 2.72 14.88
C ILE D 58 22.78 1.47 15.61
N SER D 59 23.11 0.31 15.06
CA SER D 59 22.70 -0.95 15.66
C SER D 59 23.78 -2.00 15.42
N TYR D 60 23.88 -2.94 16.36
CA TYR D 60 24.84 -4.02 16.27
C TYR D 60 24.17 -5.34 16.63
N THR D 61 24.73 -6.43 16.11
CA THR D 61 24.37 -7.75 16.62
C THR D 61 25.00 -7.94 17.99
N GLY D 62 24.26 -8.61 18.88
CA GLY D 62 24.69 -8.69 20.27
C GLY D 62 26.08 -9.27 20.43
N SER D 63 26.49 -10.18 19.54
CA SER D 63 27.79 -10.82 19.68
C SER D 63 28.94 -9.84 19.52
N VAL D 64 28.72 -8.70 18.87
CA VAL D 64 29.78 -7.72 18.64
C VAL D 64 29.50 -6.39 19.33
N LYS D 65 28.37 -6.25 20.01
CA LYS D 65 28.08 -5.00 20.70
C LYS D 65 29.15 -4.70 21.73
N GLY D 66 29.66 -3.48 21.71
CA GLY D 66 30.73 -3.07 22.61
C GLY D 66 32.12 -3.31 22.08
N ARG D 67 32.27 -4.12 21.04
CA ARG D 67 33.57 -4.43 20.45
C ARG D 67 33.76 -3.80 19.08
N PHE D 68 32.71 -3.70 18.28
CA PHE D 68 32.76 -3.09 16.97
C PHE D 68 32.08 -1.72 17.00
N THR D 69 32.64 -0.78 16.24
CA THR D 69 32.08 0.57 16.11
C THR D 69 31.94 0.89 14.63
N ILE D 70 30.71 1.08 14.18
CA ILE D 70 30.42 1.42 12.80
C ILE D 70 30.36 2.94 12.67
N SER D 71 30.91 3.46 11.58
CA SER D 71 30.91 4.89 11.34
C SER D 71 30.80 5.15 9.84
N ARG D 72 30.38 6.37 9.51
CA ARG D 72 30.06 6.73 8.14
C ARG D 72 30.72 8.07 7.82
N ASP D 73 31.17 8.22 6.56
CA ASP D 73 31.76 9.47 6.07
C ASP D 73 31.12 9.76 4.71
N ASN D 74 30.10 10.61 4.73
CA ASN D 74 29.40 10.94 3.50
C ASN D 74 30.28 11.74 2.54
N ALA D 75 31.12 12.62 3.08
CA ALA D 75 32.00 13.41 2.23
C ALA D 75 32.94 12.52 1.42
N LYS D 76 33.50 11.50 2.07
CA LYS D 76 34.39 10.57 1.40
C LYS D 76 33.66 9.32 0.89
N ASN D 77 32.35 9.24 1.07
CA ASN D 77 31.57 8.09 0.63
C ASN D 77 32.19 6.79 1.13
N THR D 78 32.44 6.73 2.44
CA THR D 78 33.15 5.60 3.03
C THR D 78 32.39 5.09 4.25
N LEU D 79 32.48 3.78 4.48
CA LEU D 79 31.89 3.14 5.65
C LEU D 79 32.98 2.41 6.40
N TYR D 80 33.11 2.69 7.71
CA TYR D 80 34.17 2.11 8.52
C TYR D 80 33.59 1.24 9.61
N LEU D 81 34.33 0.18 9.94
CA LEU D 81 34.02 -0.68 11.08
C LEU D 81 35.32 -0.86 11.85
N GLN D 82 35.42 -0.20 13.01
CA GLN D 82 36.57 -0.34 13.89
C GLN D 82 36.30 -1.51 14.82
N MET D 83 37.07 -2.58 14.67
CA MET D 83 36.88 -3.81 15.43
C MET D 83 37.94 -3.88 16.51
N ASN D 84 37.52 -4.11 17.75
CA ASN D 84 38.40 -4.18 18.89
C ASN D 84 38.22 -5.49 19.63
N SER D 85 39.29 -5.96 20.26
CA SER D 85 39.28 -7.20 21.02
C SER D 85 38.67 -8.34 20.21
N LEU D 86 39.31 -8.60 19.07
CA LEU D 86 38.79 -9.60 18.13
C LEU D 86 38.97 -11.00 18.71
N LYS D 87 37.87 -11.73 18.81
CA LYS D 87 37.86 -13.13 19.22
C LYS D 87 38.07 -14.03 18.01
N PRO D 88 38.49 -15.27 18.23
CA PRO D 88 38.68 -16.18 17.07
C PRO D 88 37.40 -16.39 16.28
N GLU D 89 36.23 -16.26 16.91
CA GLU D 89 34.97 -16.44 16.19
C GLU D 89 34.77 -15.37 15.13
N ASP D 90 35.41 -14.21 15.26
CA ASP D 90 35.22 -13.11 14.32
C ASP D 90 35.79 -13.41 12.94
N THR D 91 36.59 -14.46 12.79
CA THR D 91 37.14 -14.79 11.48
C THR D 91 36.01 -15.06 10.49
N ALA D 92 36.00 -14.30 9.39
CA ALA D 92 34.95 -14.41 8.40
C ALA D 92 35.25 -13.45 7.26
N VAL D 93 34.46 -13.57 6.20
CA VAL D 93 34.50 -12.60 5.11
C VAL D 93 33.47 -11.52 5.39
N TYR D 94 33.91 -10.27 5.45
CA TYR D 94 33.07 -9.15 5.81
C TYR D 94 32.69 -8.38 4.54
N TYR D 95 31.39 -8.21 4.32
CA TYR D 95 30.87 -7.44 3.21
C TYR D 95 30.17 -6.19 3.72
N CYS D 96 30.24 -5.12 2.94
CA CYS D 96 29.48 -3.92 3.22
C CYS D 96 28.27 -3.90 2.30
N ALA D 97 27.08 -3.94 2.91
CA ALA D 97 25.83 -4.05 2.18
C ALA D 97 25.11 -2.71 2.19
N ARG D 98 24.40 -2.42 1.10
CA ARG D 98 23.64 -1.19 0.97
C ARG D 98 22.15 -1.48 1.07
N CYS D 99 21.42 -0.53 1.63
CA CYS D 99 19.97 -0.64 1.66
C CYS D 99 19.43 -0.70 0.24
N PRO D 100 18.43 -1.54 -0.05
CA PRO D 100 17.98 -1.67 -1.44
C PRO D 100 17.56 -0.35 -2.07
N ALA D 101 16.89 0.51 -1.34
CA ALA D 101 16.32 1.74 -1.86
C ALA D 101 16.74 2.92 -1.01
N PRO D 102 16.77 4.13 -1.59
CA PRO D 102 17.13 5.31 -0.81
C PRO D 102 15.97 5.85 0.00
N PHE D 103 16.30 6.49 1.11
CA PHE D 103 15.37 7.15 2.02
C PHE D 103 14.45 6.16 2.73
N THR D 104 14.69 4.86 2.61
CA THR D 104 13.83 3.85 3.22
C THR D 104 14.40 3.43 4.57
N ARG D 105 13.50 2.98 5.44
CA ARG D 105 13.87 2.50 6.76
C ARG D 105 13.98 0.98 6.84
N ASP D 106 13.59 0.27 5.79
CA ASP D 106 13.69 -1.18 5.74
C ASP D 106 14.93 -1.60 4.96
N CYS D 107 15.54 -2.69 5.40
CA CYS D 107 16.72 -3.21 4.74
C CYS D 107 16.40 -4.66 4.64
N PHE D 108 15.59 -5.04 3.68
CA PHE D 108 15.14 -6.41 3.51
C PHE D 108 16.27 -7.37 3.17
N ASP D 109 16.93 -7.18 2.03
CA ASP D 109 17.68 -8.25 1.38
C ASP D 109 19.19 -8.10 1.50
N VAL D 110 19.68 -7.38 2.50
CA VAL D 110 21.12 -7.18 2.61
C VAL D 110 21.84 -8.48 2.90
N THR D 111 21.19 -9.41 3.59
CA THR D 111 21.81 -10.65 4.02
C THR D 111 21.49 -11.83 3.11
N SER D 112 20.93 -11.58 1.93
CA SER D 112 20.59 -12.67 1.03
C SER D 112 21.85 -13.32 0.47
N THR D 113 21.68 -14.57 0.01
CA THR D 113 22.81 -15.29 -0.57
C THR D 113 23.34 -14.58 -1.81
N THR D 114 22.44 -14.03 -2.63
CA THR D 114 22.80 -13.23 -3.79
C THR D 114 22.14 -11.86 -3.63
N TYR D 115 22.96 -10.81 -3.59
CA TYR D 115 22.48 -9.45 -3.43
C TYR D 115 23.28 -8.56 -4.36
N ALA D 116 22.58 -7.66 -5.06
CA ALA D 116 23.20 -6.85 -6.11
C ALA D 116 23.94 -5.64 -5.58
N TYR D 117 23.73 -5.25 -4.33
CA TYR D 117 24.34 -4.06 -3.75
C TYR D 117 25.22 -4.43 -2.56
N ARG D 118 26.00 -5.49 -2.72
CA ARG D 118 26.93 -5.95 -1.70
C ARG D 118 28.30 -6.13 -2.34
N GLY D 119 29.34 -5.72 -1.63
CA GLY D 119 30.68 -5.81 -2.15
C GLY D 119 31.21 -7.23 -2.16
N GLN D 120 32.36 -7.41 -2.82
CA GLN D 120 33.01 -8.72 -2.83
C GLN D 120 33.48 -9.13 -1.45
N GLY D 121 33.65 -8.19 -0.53
CA GLY D 121 34.04 -8.49 0.83
C GLY D 121 35.54 -8.62 1.00
N THR D 122 35.95 -8.63 2.26
CA THR D 122 37.36 -8.77 2.63
C THR D 122 37.47 -9.82 3.73
N GLN D 123 38.47 -10.69 3.60
CA GLN D 123 38.66 -11.75 4.58
C GLN D 123 39.35 -11.20 5.82
N VAL D 124 38.79 -11.50 6.99
CA VAL D 124 39.40 -11.18 8.28
C VAL D 124 39.66 -12.50 8.98
N THR D 125 40.93 -12.75 9.32
CA THR D 125 41.33 -14.00 9.96
C THR D 125 41.98 -13.68 11.29
N VAL D 126 41.65 -14.46 12.31
CA VAL D 126 42.17 -14.29 13.66
C VAL D 126 43.00 -15.52 14.00
N SER D 127 44.25 -15.29 14.41
CA SER D 127 45.15 -16.39 14.75
C SER D 127 44.64 -17.14 15.98
N SER E 50 -38.17 42.09 38.20
CA SER E 50 -37.77 40.71 37.80
C SER E 50 -37.92 40.52 36.30
N GLU E 51 -38.96 41.11 35.72
CA GLU E 51 -39.18 41.00 34.28
C GLU E 51 -38.01 41.60 33.52
N HIS E 52 -37.57 42.80 33.91
CA HIS E 52 -36.41 43.40 33.27
C HIS E 52 -35.16 42.57 33.50
N GLN E 53 -34.97 42.09 34.74
CA GLN E 53 -33.81 41.27 35.05
C GLN E 53 -33.82 39.98 34.24
N GLN E 54 -34.97 39.32 34.14
CA GLN E 54 -35.04 38.06 33.40
C GLN E 54 -34.83 38.30 31.90
N TYR E 55 -35.36 39.41 31.38
CA TYR E 55 -35.14 39.74 29.97
C TYR E 55 -33.66 39.96 29.71
N VAL E 56 -32.99 40.71 30.59
CA VAL E 56 -31.57 40.97 30.43
C VAL E 56 -30.77 39.68 30.51
N ILE E 57 -31.14 38.80 31.44
CA ILE E 57 -30.45 37.51 31.58
C ILE E 57 -30.63 36.68 30.31
N GLY E 58 -31.84 36.67 29.76
CA GLY E 58 -32.07 35.95 28.52
C GLY E 58 -31.22 36.48 27.38
N LEU E 59 -31.14 37.82 27.25
CA LEU E 59 -30.32 38.40 26.20
C LEU E 59 -28.84 38.09 26.41
N PHE E 60 -28.40 38.07 27.68
CA PHE E 60 -27.01 37.72 27.96
C PHE E 60 -26.72 36.28 27.57
N LEU E 61 -27.63 35.37 27.88
CA LEU E 61 -27.46 33.97 27.48
C LEU E 61 -27.46 33.85 25.96
N SER E 62 -28.32 34.61 25.28
CA SER E 62 -28.34 34.60 23.83
C SER E 62 -27.01 35.08 23.26
N CYS E 63 -26.46 36.15 23.83
CA CYS E 63 -25.16 36.66 23.38
C CYS E 63 -24.08 35.61 23.58
N LEU E 64 -24.05 34.98 24.75
CA LEU E 64 -23.07 33.95 25.02
C LEU E 64 -23.19 32.82 24.00
N TYR E 65 -24.41 32.36 23.75
CA TYR E 65 -24.61 31.27 22.81
C TYR E 65 -24.12 31.66 21.42
N THR E 66 -24.61 32.79 20.89
CA THR E 66 -24.25 33.17 19.53
C THR E 66 -22.76 33.44 19.40
N ILE E 67 -22.09 33.84 20.48
CA ILE E 67 -20.66 34.09 20.42
C ILE E 67 -19.88 32.78 20.40
N PHE E 68 -20.22 31.85 21.30
CA PHE E 68 -19.41 30.66 21.51
C PHE E 68 -19.91 29.46 20.72
N LEU E 69 -21.16 29.04 20.94
CA LEU E 69 -21.63 27.79 20.37
C LEU E 69 -21.93 27.93 18.88
N PHE E 70 -22.57 29.02 18.47
CA PHE E 70 -23.03 29.12 17.09
C PHE E 70 -21.89 29.01 16.08
N PRO E 71 -20.75 29.69 16.25
CA PRO E 71 -19.67 29.52 15.27
C PRO E 71 -19.24 28.06 15.15
N ILE E 72 -19.18 27.34 16.27
CA ILE E 72 -18.83 25.93 16.22
C ILE E 72 -19.78 25.20 15.28
N GLY E 73 -21.08 25.27 15.56
CA GLY E 73 -22.04 24.55 14.75
C GLY E 73 -21.95 24.93 13.28
N PHE E 74 -22.02 26.23 12.99
CA PHE E 74 -22.04 26.69 11.61
C PHE E 74 -20.79 26.23 10.87
N VAL E 75 -19.62 26.67 11.34
CA VAL E 75 -18.38 26.39 10.63
C VAL E 75 -18.14 24.89 10.54
N GLY E 76 -18.35 24.16 11.64
CA GLY E 76 -18.07 22.74 11.63
C GLY E 76 -18.99 21.96 10.71
N ASN E 77 -20.28 22.26 10.71
CA ASN E 77 -21.19 21.57 9.81
C ASN E 77 -20.83 21.86 8.36
N ILE E 78 -20.53 23.13 8.05
CA ILE E 78 -20.16 23.46 6.67
C ILE E 78 -18.89 22.71 6.27
N LEU E 79 -17.89 22.71 7.16
CA LEU E 79 -16.62 22.04 6.85
C LEU E 79 -16.82 20.55 6.68
N ILE E 80 -17.62 19.93 7.55
CA ILE E 80 -17.89 18.49 7.43
C ILE E 80 -18.53 18.22 6.07
N LEU E 81 -19.54 18.99 5.71
CA LEU E 81 -20.24 18.76 4.45
C LEU E 81 -19.30 18.89 3.27
N VAL E 82 -18.53 19.99 3.21
CA VAL E 82 -17.68 20.21 2.05
C VAL E 82 -16.57 19.17 1.98
N VAL E 83 -15.95 18.85 3.12
CA VAL E 83 -14.85 17.90 3.13
C VAL E 83 -15.34 16.52 2.71
N ASN E 84 -16.49 16.08 3.24
CA ASN E 84 -16.98 14.75 2.90
C ASN E 84 -17.47 14.69 1.46
N ILE E 85 -18.09 15.76 0.95
CA ILE E 85 -18.59 15.74 -0.41
C ILE E 85 -17.43 15.79 -1.41
N SER E 86 -16.42 16.62 -1.13
CA SER E 86 -15.30 16.73 -2.06
C SER E 86 -14.62 15.39 -2.28
N PHE E 87 -14.61 14.53 -1.26
CA PHE E 87 -13.99 13.21 -1.34
C PHE E 87 -15.02 12.12 -1.61
N ARG E 88 -16.06 12.46 -2.38
CA ARG E 88 -17.16 11.53 -2.59
C ARG E 88 -16.69 10.21 -3.17
N GLU E 89 -15.61 10.22 -3.96
CA GLU E 89 -15.15 9.01 -4.61
C GLU E 89 -14.69 7.95 -3.62
N LYS E 90 -14.39 8.33 -2.38
CA LYS E 90 -13.87 7.41 -1.38
C LYS E 90 -14.55 7.62 -0.03
N MET E 91 -15.85 7.86 -0.04
CA MET E 91 -16.61 8.00 1.19
C MET E 91 -16.96 6.63 1.76
N THR E 92 -16.87 6.51 3.08
CA THR E 92 -17.20 5.28 3.79
C THR E 92 -18.62 5.37 4.34
N ILE E 93 -19.10 4.22 4.85
CA ILE E 93 -20.47 4.18 5.38
C ILE E 93 -20.68 5.21 6.48
N PRO E 94 -19.78 5.37 7.46
CA PRO E 94 -19.99 6.43 8.46
C PRO E 94 -20.12 7.81 7.86
N ASP E 95 -19.44 8.07 6.75
CA ASP E 95 -19.47 9.40 6.15
C ASP E 95 -20.86 9.77 5.66
N LEU E 96 -21.65 8.79 5.19
CA LEU E 96 -23.01 9.09 4.77
C LEU E 96 -23.84 9.63 5.94
N TYR E 97 -23.81 8.93 7.07
CA TYR E 97 -24.56 9.38 8.24
C TYR E 97 -24.02 10.71 8.73
N PHE E 98 -22.70 10.89 8.71
CA PHE E 98 -22.13 12.15 9.14
C PHE E 98 -22.60 13.29 8.24
N ILE E 99 -22.68 13.05 6.93
CA ILE E 99 -23.12 14.09 6.00
C ILE E 99 -24.57 14.46 6.27
N ASN E 100 -25.44 13.46 6.43
CA ASN E 100 -26.85 13.76 6.65
C ASN E 100 -27.05 14.48 8.00
N LEU E 101 -26.36 14.03 9.05
CA LEU E 101 -26.45 14.69 10.33
C LEU E 101 -25.92 16.12 10.24
N ALA E 102 -24.88 16.33 9.42
CA ALA E 102 -24.35 17.67 9.22
C ALA E 102 -25.38 18.56 8.53
N VAL E 103 -26.09 18.02 7.54
CA VAL E 103 -27.15 18.79 6.88
C VAL E 103 -28.20 19.21 7.90
N ALA E 104 -28.69 18.25 8.69
CA ALA E 104 -29.73 18.55 9.66
C ALA E 104 -29.24 19.57 10.68
N ASP E 105 -28.02 19.39 11.19
CA ASP E 105 -27.49 20.29 12.20
C ASP E 105 -27.25 21.68 11.61
N LEU E 106 -26.83 21.76 10.35
CA LEU E 106 -26.66 23.05 9.70
C LEU E 106 -27.98 23.78 9.61
N ILE E 107 -29.04 23.09 9.21
CA ILE E 107 -30.35 23.74 9.15
C ILE E 107 -30.79 24.21 10.54
N LEU E 108 -30.63 23.35 11.54
CA LEU E 108 -31.08 23.71 12.88
C LEU E 108 -30.27 24.88 13.44
N VAL E 109 -28.96 24.88 13.26
CA VAL E 109 -28.15 25.98 13.77
C VAL E 109 -28.45 27.27 13.01
N ALA E 110 -28.70 27.16 11.70
CA ALA E 110 -29.08 28.34 10.93
C ALA E 110 -30.36 28.95 11.48
N ASP E 111 -31.35 28.10 11.80
CA ASP E 111 -32.59 28.56 12.41
C ASP E 111 -32.29 29.08 13.82
N SER E 112 -31.20 28.64 14.44
CA SER E 112 -30.95 29.13 15.77
C SER E 112 -30.86 30.63 15.77
N LEU E 113 -30.08 31.19 14.84
CA LEU E 113 -29.93 32.65 14.84
C LEU E 113 -31.29 33.34 14.75
N ILE E 114 -32.18 32.83 13.89
CA ILE E 114 -33.51 33.41 13.78
C ILE E 114 -34.23 33.35 15.11
N GLU E 115 -34.14 32.21 15.80
CA GLU E 115 -34.81 32.05 17.08
C GLU E 115 -34.15 32.90 18.16
N VAL E 116 -32.86 33.20 18.00
CA VAL E 116 -32.11 33.90 19.04
C VAL E 116 -32.67 35.30 19.25
N PHE E 117 -32.94 36.03 18.17
CA PHE E 117 -33.40 37.41 18.24
C PHE E 117 -34.91 37.53 18.02
N ASN E 118 -35.64 36.43 18.21
CA ASN E 118 -37.11 36.45 18.18
C ASN E 118 -37.63 37.02 16.88
N LEU E 119 -36.95 36.72 15.78
CA LEU E 119 -37.43 37.10 14.46
C LEU E 119 -38.59 36.23 13.99
N HIS E 120 -38.85 35.11 14.67
CA HIS E 120 -39.97 34.26 14.29
C HIS E 120 -41.31 34.90 14.64
N GLU E 121 -41.34 35.76 15.66
CA GLU E 121 -42.56 36.46 16.03
C GLU E 121 -42.83 37.61 15.07
N ARG E 122 -43.07 37.24 13.81
CA ARG E 122 -43.26 38.20 12.73
C ARG E 122 -43.61 37.42 11.47
N TYR E 123 -44.14 38.14 10.48
CA TYR E 123 -44.47 37.58 9.17
C TYR E 123 -45.10 36.20 9.31
N TYR E 124 -46.06 36.04 10.22
CA TYR E 124 -46.63 34.72 10.50
C TYR E 124 -47.07 34.03 9.22
N ASP E 125 -48.04 34.61 8.51
CA ASP E 125 -48.65 33.97 7.35
C ASP E 125 -48.98 32.51 7.68
N ILE E 126 -49.86 32.33 8.66
CA ILE E 126 -50.10 31.01 9.23
C ILE E 126 -50.55 30.02 8.16
N ALA E 127 -51.19 30.51 7.11
CA ALA E 127 -51.68 29.60 6.07
C ALA E 127 -50.53 28.85 5.41
N VAL E 128 -49.42 29.54 5.15
CA VAL E 128 -48.32 28.94 4.38
C VAL E 128 -47.01 28.98 5.17
N LEU E 129 -46.54 30.19 5.48
CA LEU E 129 -45.16 30.34 5.95
C LEU E 129 -44.94 29.69 7.30
N CYS E 130 -45.78 29.99 8.28
CA CYS E 130 -45.55 29.49 9.63
C CYS E 130 -45.67 27.98 9.68
N THR E 131 -46.71 27.41 9.06
CA THR E 131 -46.87 25.97 9.06
C THR E 131 -45.72 25.28 8.35
N PHE E 132 -45.29 25.83 7.21
CA PHE E 132 -44.17 25.25 6.48
C PHE E 132 -42.90 25.29 7.31
N MET E 133 -42.63 26.42 7.98
CA MET E 133 -41.44 26.51 8.81
C MET E 133 -41.50 25.50 9.96
N SER E 134 -42.67 25.38 10.59
CA SER E 134 -42.82 24.42 11.69
C SER E 134 -42.54 23.00 11.20
N LEU E 135 -43.13 22.63 10.07
CA LEU E 135 -42.94 21.28 9.55
C LEU E 135 -41.48 21.05 9.17
N PHE E 136 -40.85 22.03 8.53
CA PHE E 136 -39.46 21.88 8.13
C PHE E 136 -38.55 21.69 9.35
N LEU E 137 -38.77 22.50 10.39
CA LEU E 137 -37.94 22.39 11.58
C LEU E 137 -38.18 21.07 12.30
N GLN E 138 -39.44 20.63 12.34
CA GLN E 138 -39.73 19.34 12.97
C GLN E 138 -39.06 18.20 12.23
N VAL E 139 -39.10 18.21 10.90
CA VAL E 139 -38.44 17.14 10.15
C VAL E 139 -36.93 17.22 10.34
N ASN E 140 -36.37 18.42 10.42
CA ASN E 140 -34.93 18.54 10.67
C ASN E 140 -34.56 17.98 12.04
N MET E 141 -35.35 18.31 13.07
CA MET E 141 -35.06 17.80 14.41
C MET E 141 -35.17 16.29 14.44
N TYR E 142 -36.23 15.74 13.84
CA TYR E 142 -36.38 14.30 13.79
C TYR E 142 -35.25 13.64 13.03
N SER E 143 -34.81 14.26 11.92
CA SER E 143 -33.70 13.70 11.18
C SER E 143 -32.43 13.70 12.01
N SER E 144 -32.16 14.79 12.74
CA SER E 144 -30.98 14.83 13.59
C SER E 144 -31.03 13.72 14.63
N VAL E 145 -32.14 13.62 15.35
CA VAL E 145 -32.23 12.62 16.42
C VAL E 145 -32.15 11.21 15.85
N PHE E 146 -32.86 10.95 14.76
CA PHE E 146 -32.88 9.62 14.17
C PHE E 146 -31.54 9.24 13.58
N PHE E 147 -30.81 10.21 13.02
CA PHE E 147 -29.49 9.91 12.50
C PHE E 147 -28.51 9.64 13.63
N LEU E 148 -28.64 10.35 14.76
CA LEU E 148 -27.82 10.01 15.92
C LEU E 148 -28.11 8.58 16.38
N THR E 149 -29.40 8.23 16.47
CA THR E 149 -29.77 6.89 16.92
C THR E 149 -29.27 5.82 15.95
N TRP E 150 -29.45 6.05 14.65
CA TRP E 150 -29.04 5.07 13.66
C TRP E 150 -27.52 4.97 13.58
N MET E 151 -26.81 6.08 13.77
CA MET E 151 -25.36 6.01 13.83
C MET E 151 -24.91 5.21 15.03
N SER E 152 -25.57 5.37 16.17
CA SER E 152 -25.24 4.55 17.33
C SER E 152 -25.47 3.06 17.05
N PHE E 153 -26.60 2.73 16.45
CA PHE E 153 -26.89 1.32 16.15
C PHE E 153 -25.90 0.76 15.14
N ASP E 154 -25.59 1.52 14.09
CA ASP E 154 -24.64 1.06 13.09
C ASP E 154 -23.24 0.92 13.69
N ARG E 155 -22.88 1.80 14.62
CA ARG E 155 -21.62 1.65 15.32
C ARG E 155 -21.61 0.37 16.13
N TYR E 156 -22.72 0.05 16.79
CA TYR E 156 -22.79 -1.22 17.50
C TYR E 156 -22.59 -2.39 16.56
N ILE E 157 -23.25 -2.34 15.40
CA ILE E 157 -23.11 -3.43 14.42
C ILE E 157 -21.66 -3.55 13.97
N ALA E 158 -21.02 -2.43 13.69
CA ALA E 158 -19.68 -2.46 13.12
C ALA E 158 -18.63 -2.83 14.15
N LEU E 159 -18.84 -2.50 15.43
CA LEU E 159 -17.83 -2.72 16.46
C LEU E 159 -18.10 -3.96 17.30
N ALA E 160 -19.26 -4.60 17.16
CA ALA E 160 -19.57 -5.83 17.86
C ALA E 160 -19.84 -7.00 16.93
N ARG E 161 -20.56 -6.76 15.84
CA ARG E 161 -20.85 -7.78 14.82
C ARG E 161 -20.00 -7.55 13.58
N ALA E 162 -18.74 -7.14 13.76
CA ALA E 162 -17.92 -6.72 12.63
C ALA E 162 -17.74 -7.84 11.62
N MET E 163 -17.34 -9.02 12.08
CA MET E 163 -16.95 -10.10 11.18
C MET E 163 -18.11 -10.96 10.70
N ARG E 164 -19.30 -10.80 11.28
CA ARG E 164 -20.46 -11.59 10.89
C ARG E 164 -21.48 -10.79 10.09
N CYS E 165 -21.68 -9.52 10.43
CA CYS E 165 -22.66 -8.68 9.74
C CYS E 165 -22.04 -7.86 8.62
N SER E 166 -20.97 -8.37 7.99
CA SER E 166 -20.34 -7.63 6.90
C SER E 166 -21.30 -7.44 5.73
N LEU E 167 -22.20 -8.40 5.51
CA LEU E 167 -23.18 -8.26 4.43
C LEU E 167 -24.15 -7.12 4.70
N PHE E 168 -24.57 -6.97 5.96
CA PHE E 168 -25.52 -5.91 6.30
C PHE E 168 -24.96 -4.54 5.94
N ARG E 169 -23.70 -4.29 6.30
CA ARG E 169 -23.11 -2.96 6.14
C ARG E 169 -22.56 -2.84 4.72
N THR E 170 -23.35 -2.24 3.85
CA THR E 170 -22.95 -1.94 2.48
C THR E 170 -23.31 -0.51 2.16
N LYS E 171 -22.48 0.15 1.33
CA LYS E 171 -22.68 1.57 1.06
C LYS E 171 -24.03 1.81 0.39
N HIS E 172 -24.44 0.93 -0.51
CA HIS E 172 -25.78 1.03 -1.08
C HIS E 172 -26.83 0.88 0.02
N HIS E 173 -26.64 -0.08 0.92
CA HIS E 173 -27.52 -0.20 2.06
C HIS E 173 -27.46 1.03 2.96
N ALA E 174 -26.29 1.66 3.06
CA ALA E 174 -26.19 2.89 3.85
C ALA E 174 -27.02 4.01 3.23
N ARG E 175 -26.97 4.15 1.91
CA ARG E 175 -27.78 5.17 1.25
C ARG E 175 -29.26 4.87 1.41
N LEU E 176 -29.63 3.59 1.29
CA LEU E 176 -31.02 3.20 1.52
C LEU E 176 -31.46 3.54 2.94
N SER E 177 -30.58 3.30 3.92
CA SER E 177 -30.90 3.61 5.31
C SER E 177 -31.06 5.12 5.50
N CYS E 178 -30.21 5.92 4.86
CA CYS E 178 -30.37 7.36 4.96
C CYS E 178 -31.71 7.82 4.39
N GLY E 179 -32.06 7.27 3.22
CA GLY E 179 -33.36 7.61 2.65
C GLY E 179 -34.51 7.20 3.55
N LEU E 180 -34.43 6.01 4.14
CA LEU E 180 -35.50 5.56 5.03
C LEU E 180 -35.57 6.41 6.28
N ILE E 181 -34.43 6.87 6.79
CA ILE E 181 -34.43 7.75 7.96
C ILE E 181 -35.12 9.07 7.63
N TRP E 182 -34.80 9.64 6.46
CA TRP E 182 -35.45 10.88 6.06
C TRP E 182 -36.96 10.66 5.89
N MET E 183 -37.34 9.55 5.27
CA MET E 183 -38.76 9.26 5.11
C MET E 183 -39.45 9.09 6.45
N ALA E 184 -38.80 8.43 7.41
CA ALA E 184 -39.38 8.24 8.72
C ALA E 184 -39.57 9.57 9.43
N SER E 185 -38.58 10.46 9.32
CA SER E 185 -38.74 11.79 9.91
C SER E 185 -39.91 12.53 9.28
N VAL E 186 -40.00 12.49 7.95
CA VAL E 186 -41.08 13.18 7.26
C VAL E 186 -42.43 12.64 7.70
N SER E 187 -42.55 11.32 7.79
CA SER E 187 -43.81 10.70 8.20
C SER E 187 -44.15 11.04 9.64
N ALA E 188 -43.18 10.95 10.54
CA ALA E 188 -43.43 11.27 11.94
C ALA E 188 -43.87 12.72 12.10
N THR E 189 -43.41 13.60 11.22
CA THR E 189 -43.85 14.99 11.27
C THR E 189 -45.25 15.15 10.70
N LEU E 190 -45.51 14.58 9.52
CA LEU E 190 -46.75 14.86 8.81
C LEU E 190 -47.94 14.14 9.44
N VAL E 191 -47.76 12.86 9.81
CA VAL E 191 -48.90 12.07 10.27
C VAL E 191 -49.63 12.74 11.43
N PRO E 192 -48.97 13.12 12.52
CA PRO E 192 -49.71 13.79 13.61
C PRO E 192 -50.34 15.11 13.16
N PHE E 193 -49.66 15.84 12.27
CA PHE E 193 -50.20 17.12 11.82
C PHE E 193 -51.51 16.91 11.07
N THR E 194 -51.55 15.93 10.17
CA THR E 194 -52.79 15.63 9.46
C THR E 194 -53.85 15.07 10.41
N ALA E 195 -53.43 14.23 11.37
CA ALA E 195 -54.40 13.63 12.29
C ALA E 195 -55.09 14.70 13.14
N VAL E 196 -54.33 15.69 13.62
CA VAL E 196 -54.92 16.75 14.44
C VAL E 196 -55.47 17.89 13.60
N HIS E 197 -55.19 17.93 12.30
CA HIS E 197 -55.79 18.96 11.45
C HIS E 197 -57.30 18.82 11.41
N LEU E 198 -57.80 17.60 11.32
CA LEU E 198 -59.24 17.36 11.24
C LEU E 198 -59.92 17.62 12.58
N VAL E 211 -50.34 21.58 19.31
CA VAL E 211 -51.33 20.60 19.72
C VAL E 211 -50.72 19.63 20.72
N ARG E 212 -51.54 19.16 21.67
CA ARG E 212 -51.02 18.28 22.71
C ARG E 212 -50.49 16.98 22.12
N GLU E 213 -51.21 16.38 21.17
CA GLU E 213 -50.77 15.12 20.58
C GLU E 213 -49.45 15.28 19.84
N VAL E 214 -49.29 16.40 19.12
CA VAL E 214 -48.04 16.64 18.40
C VAL E 214 -46.88 16.72 19.37
N GLN E 215 -47.07 17.45 20.48
CA GLN E 215 -46.01 17.54 21.48
C GLN E 215 -45.73 16.20 22.14
N TRP E 216 -46.78 15.40 22.35
CA TRP E 216 -46.59 14.06 22.91
C TRP E 216 -45.70 13.22 22.01
N LEU E 217 -46.02 13.21 20.71
CA LEU E 217 -45.19 12.46 19.78
C LEU E 217 -43.78 13.01 19.73
N GLU E 218 -43.64 14.35 19.69
CA GLU E 218 -42.32 14.96 19.77
C GLU E 218 -41.53 14.37 20.93
N VAL E 219 -42.04 14.57 22.15
CA VAL E 219 -41.31 14.11 23.34
C VAL E 219 -40.95 12.64 23.19
N THR E 220 -41.96 11.78 23.07
CA THR E 220 -41.70 10.34 23.06
C THR E 220 -40.72 9.97 21.94
N LEU E 221 -41.16 10.10 20.69
CA LEU E 221 -40.41 9.56 19.56
C LEU E 221 -39.13 10.31 19.26
N GLY E 222 -38.90 11.46 19.89
CA GLY E 222 -37.70 12.22 19.59
C GLY E 222 -36.74 12.34 20.76
N PHE E 223 -37.13 11.90 21.95
CA PHE E 223 -36.14 11.85 23.02
C PHE E 223 -36.11 10.52 23.75
N ILE E 224 -37.26 9.89 23.99
CA ILE E 224 -37.29 8.72 24.86
C ILE E 224 -36.78 7.49 24.12
N VAL E 225 -37.43 7.13 23.02
CA VAL E 225 -36.96 6.01 22.22
C VAL E 225 -35.57 6.27 21.65
N PRO E 226 -35.30 7.41 21.03
CA PRO E 226 -33.93 7.65 20.54
C PRO E 226 -32.88 7.59 21.64
N PHE E 227 -33.14 8.17 22.80
CA PHE E 227 -32.15 8.13 23.87
C PHE E 227 -31.99 6.72 24.42
N ALA E 228 -33.09 5.96 24.53
CA ALA E 228 -32.99 4.59 25.00
C ALA E 228 -32.13 3.76 24.05
N ILE E 229 -32.36 3.90 22.75
CA ILE E 229 -31.58 3.16 21.76
C ILE E 229 -30.12 3.58 21.81
N ILE E 230 -29.87 4.89 21.91
CA ILE E 230 -28.50 5.39 21.96
C ILE E 230 -27.78 4.83 23.17
N GLY E 231 -28.43 4.89 24.34
CA GLY E 231 -27.81 4.38 25.54
C GLY E 231 -27.52 2.90 25.47
N LEU E 232 -28.49 2.11 24.98
CA LEU E 232 -28.28 0.67 24.89
C LEU E 232 -27.13 0.35 23.93
N CYS E 233 -27.15 0.96 22.73
CA CYS E 233 -26.13 0.65 21.75
C CYS E 233 -24.74 1.06 22.23
N TYR E 234 -24.62 2.24 22.83
CA TYR E 234 -23.31 2.67 23.28
C TYR E 234 -22.86 1.94 24.53
N SER E 235 -23.78 1.48 25.37
CA SER E 235 -23.39 0.61 26.47
C SER E 235 -22.83 -0.70 25.94
N LEU E 236 -23.46 -1.27 24.91
CA LEU E 236 -22.92 -2.49 24.31
C LEU E 236 -21.56 -2.24 23.68
N ILE E 237 -21.41 -1.10 23.00
CA ILE E 237 -20.12 -0.77 22.39
C ILE E 237 -19.05 -0.62 23.45
N VAL E 238 -19.37 0.04 24.56
CA VAL E 238 -18.40 0.21 25.64
C VAL E 238 -18.05 -1.13 26.27
N ARG E 239 -19.04 -2.01 26.40
CA ARG E 239 -18.77 -3.35 26.91
C ARG E 239 -17.77 -4.07 26.00
N VAL E 240 -18.00 -4.00 24.70
CA VAL E 240 -17.08 -4.64 23.76
C VAL E 240 -15.69 -4.03 23.88
N LEU E 241 -15.63 -2.69 23.96
CA LEU E 241 -14.34 -2.01 23.98
C LEU E 241 -13.56 -2.36 25.24
N VAL E 242 -14.23 -2.41 26.39
CA VAL E 242 -13.53 -2.75 27.62
C VAL E 242 -13.12 -4.22 27.63
N ARG E 243 -13.98 -5.10 27.12
CA ARG E 243 -13.63 -6.52 27.09
C ARG E 243 -12.41 -6.76 26.22
N ALA E 244 -12.34 -6.10 25.07
CA ALA E 244 -11.17 -6.23 24.20
C ALA E 244 -10.01 -5.35 24.63
N HIS E 245 -10.23 -4.44 25.58
CA HIS E 245 -9.19 -3.53 26.05
C HIS E 245 -8.21 -4.25 26.97
N ARG E 246 -8.71 -5.12 27.84
CA ARG E 246 -7.88 -5.71 28.88
C ARG E 246 -7.02 -6.87 28.39
N HIS E 247 -7.18 -7.29 27.13
CA HIS E 247 -6.49 -8.49 26.64
C HIS E 247 -5.42 -8.16 25.62
N ARG E 248 -5.77 -7.58 24.47
CA ARG E 248 -4.81 -7.43 23.38
C ARG E 248 -4.88 -6.05 22.72
N GLY E 249 -5.87 -5.25 23.08
CA GLY E 249 -6.08 -3.98 22.41
C GLY E 249 -5.05 -2.94 22.79
N LEU E 250 -5.13 -1.80 22.11
CA LEU E 250 -4.24 -0.67 22.35
C LEU E 250 -4.86 0.23 23.42
N ARG E 251 -4.19 0.33 24.56
CA ARG E 251 -4.79 0.99 25.72
C ARG E 251 -5.12 2.45 25.49
N PRO E 252 -4.20 3.30 25.02
CA PRO E 252 -4.49 4.75 24.98
C PRO E 252 -5.57 5.14 23.99
N ARG E 253 -5.49 4.63 22.77
CA ARG E 253 -6.48 4.99 21.76
C ARG E 253 -7.86 4.49 22.14
N ARG E 254 -7.95 3.33 22.80
CA ARG E 254 -9.25 2.82 23.22
C ARG E 254 -9.79 3.57 24.43
N GLN E 255 -8.91 4.05 25.32
CA GLN E 255 -9.37 4.98 26.34
C GLN E 255 -9.93 6.24 25.70
N LYS E 256 -9.27 6.74 24.66
CA LYS E 256 -9.78 7.90 23.93
C LYS E 256 -11.14 7.60 23.31
N ALA E 257 -11.30 6.41 22.75
CA ALA E 257 -12.59 6.03 22.16
C ALA E 257 -13.68 6.00 23.21
N LEU E 258 -13.39 5.42 24.39
CA LEU E 258 -14.37 5.42 25.46
C LEU E 258 -14.73 6.83 25.89
N ARG E 259 -13.73 7.72 25.98
CA ARG E 259 -13.99 9.11 26.32
C ARG E 259 -14.91 9.75 25.29
N MET E 260 -14.66 9.49 24.00
CA MET E 260 -15.49 10.06 22.95
C MET E 260 -16.93 9.57 23.05
N ILE E 261 -17.11 8.26 23.30
CA ILE E 261 -18.46 7.71 23.43
C ILE E 261 -19.18 8.36 24.60
N LEU E 262 -18.51 8.47 25.74
CA LEU E 262 -19.12 9.09 26.91
C LEU E 262 -19.49 10.53 26.62
N ALA E 263 -18.61 11.27 25.94
CA ALA E 263 -18.89 12.67 25.63
C ALA E 263 -20.12 12.78 24.74
N VAL E 264 -20.21 11.93 23.71
CA VAL E 264 -21.36 11.99 22.81
C VAL E 264 -22.64 11.74 23.58
N VAL E 265 -22.67 10.66 24.37
CA VAL E 265 -23.88 10.31 25.11
C VAL E 265 -24.27 11.45 26.05
N LEU E 266 -23.29 11.97 26.79
CA LEU E 266 -23.59 12.99 27.79
C LEU E 266 -24.07 14.28 27.13
N VAL E 267 -23.45 14.70 26.04
CA VAL E 267 -23.87 15.95 25.41
C VAL E 267 -25.27 15.80 24.85
N PHE E 268 -25.57 14.68 24.19
CA PHE E 268 -26.92 14.47 23.69
C PHE E 268 -27.93 14.53 24.84
N PHE E 269 -27.65 13.80 25.92
CA PHE E 269 -28.58 13.77 27.05
C PHE E 269 -28.80 15.16 27.63
N VAL E 270 -27.73 15.87 27.96
CA VAL E 270 -27.87 17.15 28.63
C VAL E 270 -28.51 18.19 27.71
N CYS E 271 -28.24 18.11 26.41
CA CYS E 271 -28.80 19.13 25.51
C CYS E 271 -30.27 18.88 25.23
N TRP E 272 -30.71 17.61 25.18
CA TRP E 272 -32.09 17.33 24.81
C TRP E 272 -33.02 17.09 25.99
N LEU E 273 -32.50 16.81 27.18
CA LEU E 273 -33.37 16.65 28.34
C LEU E 273 -34.13 17.92 28.70
N PRO E 274 -33.52 19.12 28.70
CA PRO E 274 -34.25 20.30 29.17
C PRO E 274 -35.55 20.55 28.42
N GLU E 275 -35.50 20.66 27.09
CA GLU E 275 -36.70 20.98 26.34
C GLU E 275 -37.75 19.88 26.47
N ASN E 276 -37.34 18.62 26.43
CA ASN E 276 -38.30 17.53 26.53
C ASN E 276 -38.97 17.52 27.90
N VAL E 277 -38.22 17.76 28.97
CA VAL E 277 -38.82 17.81 30.30
C VAL E 277 -39.74 19.03 30.40
N PHE E 278 -39.35 20.14 29.79
CA PHE E 278 -40.20 21.33 29.80
C PHE E 278 -41.54 21.05 29.13
N ILE E 279 -41.50 20.35 27.99
CA ILE E 279 -42.74 20.00 27.31
C ILE E 279 -43.55 19.02 28.14
N SER E 280 -42.88 18.03 28.74
CA SER E 280 -43.60 16.99 29.49
C SER E 280 -44.29 17.58 30.71
N VAL E 281 -43.65 18.53 31.38
CA VAL E 281 -44.23 19.09 32.61
C VAL E 281 -45.59 19.71 32.31
N HIS E 282 -45.67 20.51 31.25
CA HIS E 282 -46.95 21.13 30.89
C HIS E 282 -47.96 20.09 30.44
N LEU E 283 -47.52 19.10 29.66
CA LEU E 283 -48.41 18.05 29.19
C LEU E 283 -48.92 17.21 30.36
N HIS E 300 -48.75 29.39 27.38
CA HIS E 300 -47.61 30.31 27.31
C HIS E 300 -46.82 30.31 28.61
N ALA E 301 -46.45 31.51 29.05
CA ALA E 301 -45.73 31.73 30.30
C ALA E 301 -44.30 31.20 30.22
N HIS E 302 -43.50 31.46 31.26
CA HIS E 302 -42.09 31.00 31.32
C HIS E 302 -41.25 31.30 30.07
N PRO E 303 -40.97 32.59 29.83
CA PRO E 303 -40.21 32.94 28.62
C PRO E 303 -38.75 32.56 28.76
N LEU E 304 -38.12 32.89 29.89
CA LEU E 304 -36.72 32.58 30.11
C LEU E 304 -36.46 31.08 29.97
N THR E 305 -37.31 30.26 30.60
CA THR E 305 -37.11 28.82 30.55
C THR E 305 -37.16 28.31 29.11
N GLY E 306 -38.17 28.75 28.37
CA GLY E 306 -38.25 28.38 26.96
C GLY E 306 -37.01 28.81 26.19
N HIS E 307 -36.53 30.03 26.45
CA HIS E 307 -35.36 30.52 25.74
C HIS E 307 -34.15 29.63 25.99
N ILE E 308 -33.87 29.34 27.26
CA ILE E 308 -32.68 28.54 27.57
C ILE E 308 -32.82 27.11 27.05
N VAL E 309 -34.02 26.53 27.12
CA VAL E 309 -34.15 25.16 26.62
C VAL E 309 -33.96 25.14 25.10
N ASN E 310 -34.48 26.15 24.39
CA ASN E 310 -34.23 26.23 22.96
C ASN E 310 -32.75 26.41 22.66
N LEU E 311 -32.06 27.22 23.47
CA LEU E 311 -30.62 27.40 23.28
C LEU E 311 -29.89 26.07 23.45
N ALA E 312 -30.27 25.28 24.46
CA ALA E 312 -29.64 23.98 24.66
C ALA E 312 -29.93 23.04 23.49
N ALA E 313 -31.18 23.06 23.00
CA ALA E 313 -31.53 22.21 21.88
C ALA E 313 -30.70 22.55 20.65
N PHE E 314 -30.52 23.84 20.38
CA PHE E 314 -29.66 24.24 19.26
C PHE E 314 -28.20 23.92 19.54
N SER E 315 -27.78 24.01 20.80
CA SER E 315 -26.40 23.69 21.15
C SER E 315 -26.10 22.22 20.90
N ASN E 316 -27.11 21.36 20.98
CA ASN E 316 -26.89 19.97 20.60
C ASN E 316 -26.34 19.88 19.19
N SER E 317 -27.00 20.53 18.23
CA SER E 317 -26.53 20.52 16.86
C SER E 317 -25.22 21.29 16.71
N CYS E 318 -25.03 22.34 17.51
CA CYS E 318 -23.78 23.08 17.44
C CYS E 318 -22.59 22.19 17.84
N LEU E 319 -22.76 21.38 18.88
CA LEU E 319 -21.68 20.57 19.41
C LEU E 319 -21.53 19.23 18.70
N ASN E 320 -22.56 18.74 18.01
CA ASN E 320 -22.43 17.48 17.30
C ASN E 320 -21.25 17.44 16.36
N PRO E 321 -21.02 18.44 15.49
CA PRO E 321 -19.83 18.36 14.62
C PRO E 321 -18.53 18.28 15.41
N LEU E 322 -18.43 19.03 16.52
CA LEU E 322 -17.20 19.06 17.29
C LEU E 322 -16.86 17.66 17.82
N ILE E 323 -17.82 17.03 18.50
CA ILE E 323 -17.56 15.74 19.12
C ILE E 323 -17.41 14.65 18.05
N TYR E 324 -18.28 14.65 17.05
CA TYR E 324 -18.32 13.54 16.11
C TYR E 324 -17.18 13.59 15.10
N SER E 325 -16.72 14.79 14.73
CA SER E 325 -15.72 14.93 13.67
C SER E 325 -14.42 15.53 14.17
N PHE E 326 -14.47 16.70 14.80
CA PHE E 326 -13.23 17.38 15.17
C PHE E 326 -12.43 16.58 16.19
N LEU E 327 -13.10 16.05 17.22
CA LEU E 327 -12.39 15.33 18.26
C LEU E 327 -11.81 14.00 17.78
N GLY E 328 -12.20 13.53 16.61
CA GLY E 328 -11.70 12.28 16.09
C GLY E 328 -10.54 12.49 15.13
N GLU E 329 -9.56 11.60 15.21
CA GLU E 329 -8.34 11.75 14.41
C GLU E 329 -8.59 11.52 12.93
N THR E 330 -9.52 10.63 12.58
CA THR E 330 -9.75 10.33 11.17
C THR E 330 -10.20 11.56 10.40
N PHE E 331 -11.20 12.27 10.93
CA PHE E 331 -11.70 13.45 10.24
C PHE E 331 -10.67 14.57 10.24
N ARG E 332 -9.89 14.71 11.30
CA ARG E 332 -8.84 15.72 11.30
C ARG E 332 -7.80 15.43 10.23
N ASP E 333 -7.42 14.16 10.06
CA ASP E 333 -6.51 13.79 8.99
C ASP E 333 -7.14 14.09 7.63
N LYS E 334 -8.42 13.77 7.47
CA LYS E 334 -9.09 14.09 6.21
C LYS E 334 -9.08 15.60 5.94
N LEU E 335 -9.33 16.40 6.97
CA LEU E 335 -9.34 17.85 6.82
C LEU E 335 -7.96 18.37 6.45
N ARG E 336 -6.91 17.84 7.09
CA ARG E 336 -5.56 18.27 6.76
C ARG E 336 -5.22 17.89 5.31
N LEU E 337 -5.61 16.69 4.89
CA LEU E 337 -5.37 16.30 3.49
C LEU E 337 -6.13 17.20 2.53
N TYR E 338 -7.37 17.55 2.88
CA TYR E 338 -8.16 18.45 2.03
C TYR E 338 -7.50 19.82 1.93
N ILE E 339 -7.01 20.35 3.06
CA ILE E 339 -6.33 21.63 3.03
C ILE E 339 -5.07 21.56 2.17
N GLU E 340 -4.30 20.48 2.32
CA GLU E 340 -3.09 20.33 1.50
C GLU E 340 -3.44 20.26 0.02
N GLN E 341 -4.52 19.54 -0.32
CA GLN E 341 -4.97 19.49 -1.70
C GLN E 341 -5.38 20.88 -2.19
N LYS E 342 -6.07 21.64 -1.35
CA LYS E 342 -6.49 22.98 -1.69
C LYS E 342 -5.34 23.98 -1.50
C11 A1LVW F . -41.73 24.88 22.61
C12 A1LVW F . -40.53 25.92 20.86
C13 A1LVW F . -41.74 26.24 23.33
C14 A1LVW F . -41.08 25.50 19.51
C15 A1LVW F . -40.58 23.56 21.02
C16 A1LVW F . -43.64 27.77 23.94
C19 A1LVW F . -38.62 24.27 17.67
C21 A1LVW F . -38.20 23.38 16.71
C22 A1LVW F . -43.37 29.09 24.07
C23 A1LVW F . -40.41 24.89 16.29
C24 A1LVW F . -44.83 25.83 24.62
C25 A1LVW F . -37.93 24.40 18.87
C26 A1LVW F . -44.03 29.85 25.02
C27 A1LVW F . -39.98 23.99 15.33
C28 A1LVW F . -46.16 27.35 26.52
C31 A1LVW F . -36.80 23.64 19.08
C17 A1LVW F . -39.73 25.02 17.45
C18 A1LVW F . -44.56 27.19 24.75
C20 A1LVW F . -45.22 27.94 25.69
C29 A1LVW F . -37.06 22.61 16.93
C30 A1LVW F . -45.77 25.24 25.45
C32 A1LVW F . -46.44 25.99 26.39
C33 A1LVW F . -36.36 22.75 18.12
N06 A1LVW F . -40.55 24.80 21.78
N07 A1LVW F . -42.94 26.97 22.95
N08 A1LVW F . -40.19 25.96 18.47
N09 A1LVW F . -44.95 29.26 25.83
N10 A1LVW F . -38.87 23.25 15.56
CL01 A1LVW F . -47.65 25.23 27.46
CL02 A1LVW F . -34.90 21.76 18.41
#